data_1OIN
#
_entry.id   1OIN
#
_cell.length_a   94.910
_cell.length_b   94.980
_cell.length_c   113.928
_cell.angle_alpha   90.00
_cell.angle_beta   90.00
_cell.angle_gamma   90.00
#
_symmetry.space_group_name_H-M   'P 21 21 21'
#
loop_
_entity.id
_entity.type
_entity.pdbx_description
1 polymer 'BETA-GLUCOSIDASE A'
2 non-polymer 2-deoxy-2-fluoro-alpha-D-glucopyranose
3 water water
#
_entity_poly.entity_id   1
_entity_poly.type   'polypeptide(L)'
_entity_poly.pdbx_seq_one_letter_code
;MGSSHHHHHHSSGLVPRGSHMASNVKKFPEGFLWGVATASYQIEGSPLADGAGMSIWHTFSHTPGNVKNGDTGDVACDHY
NRWKEDIEIIEKLGVKAYRFSISWPRILPEGTGRVNQKGLDFYNRIIDTLLEKGITPFVTIYHWDLPFALQLKGGWANRE
IADWFAEYSRVLFENFGDRVKNWITLNEPWVVAIVGHLYGVHAPGMRDIYVAFRAVHNLLRAHARAVKVFRETVKDGKIG
IVFNNGYFEPASEKEEDIRAVRFMHQFNNYPLFLNPIYRGDYPELVLEFAREYLPENYKDDMSEIQEKIDFVGLNYYSGH
LVKFDPDAPAKVSFVERDLPKTAMGWEIVPEGIYWILKKVKEEYNPPEVYITENGAAFDDVVSEDGRVHDQNRIDYLKAH
IGQAWKAIQEGVPLKGYFVWSLLDNFEWAEGYSKRFGIVYVDYSTQKRIVKDSGYWYSNVVKNNGLED
;
_entity_poly.pdbx_strand_id   A,B
#
# COMPACT_ATOMS: atom_id res chain seq x y z
N ASN A 24 25.90 30.44 2.15
CA ASN A 24 25.22 30.77 0.86
C ASN A 24 25.90 30.09 -0.34
N VAL A 25 26.92 30.76 -0.89
CA VAL A 25 27.75 30.22 -1.97
C VAL A 25 28.51 28.95 -1.54
N LYS A 26 28.20 27.80 -2.15
CA LYS A 26 28.90 26.53 -1.87
C LYS A 26 29.66 26.09 -3.10
N LYS A 27 30.94 26.48 -3.19
CA LYS A 27 31.75 26.17 -4.35
C LYS A 27 32.55 24.88 -4.08
N PHE A 28 32.62 24.03 -5.11
CA PHE A 28 33.27 22.71 -5.03
C PHE A 28 34.70 22.80 -5.59
N PRO A 29 35.60 21.85 -5.25
CA PRO A 29 36.99 21.89 -5.73
C PRO A 29 37.09 21.94 -7.26
N GLU A 30 38.25 22.39 -7.75
CA GLU A 30 38.42 22.58 -9.18
C GLU A 30 38.32 21.31 -10.05
N GLY A 31 38.77 20.17 -9.56
CA GLY A 31 38.56 18.97 -10.37
C GLY A 31 37.11 18.45 -10.54
N PHE A 32 36.21 18.85 -9.65
CA PHE A 32 35.00 18.09 -9.36
C PHE A 32 34.16 17.55 -10.52
N LEU A 33 33.98 16.23 -10.46
CA LEU A 33 33.23 15.53 -11.49
C LEU A 33 31.75 15.57 -11.16
N TRP A 34 30.99 16.37 -11.91
CA TRP A 34 29.54 16.38 -11.82
C TRP A 34 28.96 15.37 -12.81
N GLY A 35 28.22 14.41 -12.29
CA GLY A 35 27.80 13.30 -13.13
C GLY A 35 26.34 12.94 -13.13
N VAL A 36 25.97 12.13 -14.12
CA VAL A 36 24.71 11.39 -14.06
C VAL A 36 24.99 9.89 -14.24
N ALA A 37 24.06 9.05 -13.77
CA ALA A 37 24.25 7.61 -13.75
C ALA A 37 23.06 6.80 -14.29
N THR A 38 23.36 5.70 -14.99
CA THR A 38 22.36 4.72 -15.41
C THR A 38 22.88 3.31 -15.25
N ALA A 39 22.06 2.34 -15.68
CA ALA A 39 22.48 0.95 -15.78
C ALA A 39 21.87 0.27 -17.02
N SER A 40 22.65 -0.61 -17.65
CA SER A 40 22.30 -1.26 -18.93
C SER A 40 20.87 -1.83 -18.99
N TYR A 41 20.54 -2.75 -18.08
CA TYR A 41 19.24 -3.38 -18.11
C TYR A 41 18.09 -2.37 -17.82
N GLN A 42 18.38 -1.35 -17.05
CA GLN A 42 17.34 -0.38 -16.69
C GLN A 42 16.94 0.61 -17.82
N ILE A 43 17.81 0.78 -18.81
CA ILE A 43 17.54 1.76 -19.87
C ILE A 43 17.54 1.26 -21.31
N GLU A 44 18.31 0.20 -21.56
CA GLU A 44 18.66 -0.18 -22.92
C GLU A 44 17.48 -0.76 -23.79
N GLY A 45 16.69 -1.65 -23.20
CA GLY A 45 15.76 -2.48 -23.97
C GLY A 45 16.53 -3.35 -24.97
N SER A 46 15.81 -3.96 -25.90
CA SER A 46 16.45 -4.85 -26.86
C SER A 46 17.47 -5.84 -26.20
N PRO A 47 17.08 -6.54 -25.13
CA PRO A 47 18.02 -7.43 -24.39
C PRO A 47 18.56 -8.56 -25.25
N LEU A 48 17.85 -8.99 -26.28
CA LEU A 48 18.31 -10.10 -27.15
C LEU A 48 18.79 -9.64 -28.54
N ALA A 49 18.88 -8.33 -28.77
CA ALA A 49 19.36 -7.86 -30.08
C ALA A 49 20.83 -8.24 -30.35
N ASP A 50 21.15 -8.39 -31.63
CA ASP A 50 22.54 -8.52 -32.10
C ASP A 50 23.36 -9.64 -31.42
N GLY A 51 22.73 -10.79 -31.24
CA GLY A 51 23.42 -11.95 -30.70
C GLY A 51 23.67 -11.95 -29.18
N ALA A 52 23.06 -11.02 -28.44
CA ALA A 52 23.20 -11.02 -26.95
C ALA A 52 22.61 -12.27 -26.31
N GLY A 53 23.27 -12.81 -25.28
CA GLY A 53 22.67 -13.89 -24.50
C GLY A 53 21.63 -13.33 -23.54
N MET A 54 20.72 -14.17 -23.08
CA MET A 54 19.81 -13.82 -21.98
C MET A 54 20.61 -13.47 -20.69
N SER A 55 20.12 -12.50 -19.93
CA SER A 55 20.59 -12.29 -18.58
C SER A 55 19.60 -12.87 -17.58
N ILE A 56 20.01 -12.97 -16.31
CA ILE A 56 19.07 -13.34 -15.22
C ILE A 56 17.95 -12.33 -15.00
N TRP A 57 18.16 -11.06 -15.41
CA TRP A 57 17.06 -10.08 -15.26
C TRP A 57 15.97 -10.26 -16.33
N HIS A 58 16.40 -10.62 -17.53
CA HIS A 58 15.49 -11.06 -18.62
C HIS A 58 14.63 -12.24 -18.13
N THR A 59 15.23 -13.26 -17.53
CA THR A 59 14.44 -14.47 -17.18
C THR A 59 13.63 -14.24 -15.92
N PHE A 60 14.22 -13.48 -14.99
CA PHE A 60 13.53 -13.07 -13.77
C PHE A 60 12.31 -12.19 -14.08
N SER A 61 12.45 -11.20 -14.97
CA SER A 61 11.30 -10.29 -15.14
C SER A 61 10.22 -10.92 -16.00
N HIS A 62 10.59 -11.94 -16.80
CA HIS A 62 9.64 -12.73 -17.55
C HIS A 62 8.97 -13.82 -16.74
N THR A 63 9.30 -13.93 -15.46
CA THR A 63 8.61 -14.89 -14.60
C THR A 63 7.44 -14.16 -13.93
N PRO A 64 6.23 -14.77 -13.97
CA PRO A 64 5.04 -14.13 -13.36
C PRO A 64 5.23 -13.93 -11.88
N GLY A 65 4.85 -12.75 -11.42
CA GLY A 65 4.85 -12.46 -10.00
C GLY A 65 6.12 -11.80 -9.49
N ASN A 66 7.16 -11.69 -10.33
CA ASN A 66 8.43 -11.18 -9.81
C ASN A 66 8.53 -9.62 -9.84
N VAL A 67 7.95 -9.03 -10.86
CA VAL A 67 8.07 -7.58 -11.05
C VAL A 67 6.67 -6.91 -11.09
N LYS A 68 6.53 -5.77 -10.39
CA LYS A 68 5.31 -4.98 -10.44
C LYS A 68 4.74 -4.81 -11.87
N ASN A 69 3.42 -5.01 -12.01
CA ASN A 69 2.70 -4.97 -13.26
C ASN A 69 3.22 -5.90 -14.35
N GLY A 70 4.08 -6.86 -14.04
CA GLY A 70 4.63 -7.63 -15.13
C GLY A 70 5.67 -6.90 -16.00
N ASP A 71 6.17 -5.77 -15.53
CA ASP A 71 7.15 -5.00 -16.32
C ASP A 71 8.43 -5.78 -16.62
N THR A 72 9.05 -5.49 -17.75
CA THR A 72 10.34 -6.08 -18.05
C THR A 72 11.27 -5.05 -18.68
N GLY A 73 12.53 -5.45 -18.87
CA GLY A 73 13.46 -4.62 -19.59
C GLY A 73 13.44 -4.80 -21.10
N ASP A 74 12.38 -5.40 -21.64
CA ASP A 74 12.30 -5.61 -23.10
C ASP A 74 12.50 -4.30 -23.89
N VAL A 75 11.89 -3.23 -23.39
CA VAL A 75 11.92 -1.94 -24.13
C VAL A 75 12.58 -0.86 -23.32
N ALA A 76 12.14 -0.69 -22.08
CA ALA A 76 12.75 0.28 -21.19
C ALA A 76 12.72 1.69 -21.81
N CYS A 77 13.86 2.38 -21.80
CA CYS A 77 14.00 3.71 -22.41
C CYS A 77 14.43 3.63 -23.88
N ASP A 78 14.50 2.41 -24.44
CA ASP A 78 15.01 2.16 -25.79
C ASP A 78 16.37 2.86 -26.10
N HIS A 79 17.23 2.89 -25.09
CA HIS A 79 18.51 3.54 -25.20
C HIS A 79 19.39 2.79 -26.17
N TYR A 80 19.11 1.50 -26.32
CA TYR A 80 19.83 0.72 -27.30
C TYR A 80 19.78 1.32 -28.71
N ASN A 81 18.67 1.98 -29.04
CA ASN A 81 18.54 2.78 -30.29
C ASN A 81 18.72 4.31 -30.11
N ARG A 82 18.41 4.85 -28.95
CA ARG A 82 18.35 6.32 -28.70
C ARG A 82 19.55 6.86 -27.94
N TRP A 83 20.58 6.01 -27.80
CA TRP A 83 21.83 6.35 -27.14
C TRP A 83 22.45 7.76 -27.51
N LYS A 84 22.54 8.10 -28.78
CA LYS A 84 23.12 9.38 -29.22
C LYS A 84 22.34 10.59 -28.70
N GLU A 85 21.01 10.55 -28.82
CA GLU A 85 20.12 11.59 -28.29
C GLU A 85 20.34 11.75 -26.80
N ASP A 86 20.46 10.64 -26.07
CA ASP A 86 20.64 10.69 -24.62
C ASP A 86 21.96 11.33 -24.23
N ILE A 87 23.01 10.97 -24.95
CA ILE A 87 24.30 11.55 -24.69
C ILE A 87 24.23 13.08 -25.04
N GLU A 88 23.64 13.44 -26.17
CA GLU A 88 23.40 14.86 -26.51
C GLU A 88 22.68 15.62 -25.39
N ILE A 89 21.72 14.97 -24.70
CA ILE A 89 21.14 15.56 -23.50
C ILE A 89 22.16 15.82 -22.40
N ILE A 90 23.05 14.86 -22.18
CA ILE A 90 24.10 15.00 -21.17
C ILE A 90 24.97 16.23 -21.55
N GLU A 91 25.38 16.27 -22.82
CA GLU A 91 26.21 17.35 -23.42
C GLU A 91 25.55 18.71 -23.23
N LYS A 92 24.34 18.83 -23.77
CA LYS A 92 23.50 20.01 -23.61
C LYS A 92 23.34 20.47 -22.15
N LEU A 93 23.19 19.54 -21.23
CA LEU A 93 23.10 19.84 -19.82
C LEU A 93 24.44 20.29 -19.24
N GLY A 94 25.53 20.05 -19.99
CA GLY A 94 26.88 20.36 -19.53
C GLY A 94 27.39 19.45 -18.41
N VAL A 95 26.80 18.27 -18.27
CA VAL A 95 27.23 17.31 -17.25
C VAL A 95 28.60 16.75 -17.68
N LYS A 96 29.49 16.63 -16.73
CA LYS A 96 30.88 16.34 -17.05
C LYS A 96 31.27 14.85 -17.03
N ALA A 97 30.43 14.01 -16.43
CA ALA A 97 30.72 12.59 -16.22
C ALA A 97 29.45 11.76 -16.36
N TYR A 98 29.59 10.60 -16.99
CA TYR A 98 28.50 9.65 -17.20
C TYR A 98 28.92 8.26 -16.68
N ARG A 99 28.20 7.82 -15.65
CA ARG A 99 28.30 6.49 -15.14
C ARG A 99 27.31 5.61 -15.88
N PHE A 100 27.80 4.65 -16.63
CA PHE A 100 26.97 3.67 -17.25
C PHE A 100 27.52 2.26 -17.05
N SER A 101 26.69 1.26 -17.32
CA SER A 101 27.13 -0.13 -17.17
C SER A 101 27.09 -0.90 -18.47
N ILE A 102 27.87 -1.98 -18.49
CA ILE A 102 27.98 -2.84 -19.64
C ILE A 102 27.24 -4.13 -19.33
N SER A 103 26.40 -4.53 -20.29
CA SER A 103 25.68 -5.79 -20.20
C SER A 103 26.63 -6.98 -20.47
N TRP A 104 27.04 -7.70 -19.44
CA TRP A 104 27.93 -8.88 -19.61
C TRP A 104 27.47 -9.86 -20.77
N PRO A 105 26.22 -10.26 -20.79
CA PRO A 105 25.72 -11.10 -21.90
C PRO A 105 25.62 -10.43 -23.31
N ARG A 106 25.67 -9.08 -23.48
CA ARG A 106 25.94 -8.55 -24.85
C ARG A 106 27.37 -8.82 -25.32
N ILE A 107 28.30 -8.89 -24.36
CA ILE A 107 29.70 -9.05 -24.69
C ILE A 107 30.11 -10.55 -24.80
N LEU A 108 29.68 -11.36 -23.84
CA LEU A 108 29.97 -12.81 -23.83
C LEU A 108 28.61 -13.49 -23.62
N PRO A 109 27.91 -13.83 -24.71
CA PRO A 109 26.54 -14.37 -24.67
C PRO A 109 26.34 -15.61 -23.78
N GLU A 110 27.39 -16.47 -23.68
CA GLU A 110 27.40 -17.58 -22.75
C GLU A 110 28.15 -17.27 -21.48
N GLY A 111 28.63 -16.05 -21.29
CA GLY A 111 29.27 -15.64 -20.05
C GLY A 111 30.78 -15.80 -20.09
N THR A 112 31.24 -16.93 -20.63
CA THR A 112 32.66 -17.04 -20.99
C THR A 112 32.81 -17.55 -22.41
N GLY A 113 34.04 -17.58 -22.89
CA GLY A 113 34.30 -18.11 -24.23
C GLY A 113 34.04 -17.03 -25.27
N ARG A 114 33.03 -17.26 -26.10
CA ARG A 114 32.79 -16.45 -27.29
C ARG A 114 32.51 -14.97 -26.98
N VAL A 115 33.18 -14.08 -27.71
CA VAL A 115 32.95 -12.64 -27.64
C VAL A 115 32.08 -12.11 -28.82
N ASN A 116 31.08 -11.32 -28.50
CA ASN A 116 30.11 -10.84 -29.46
C ASN A 116 30.54 -9.43 -29.97
N GLN A 117 31.13 -9.36 -31.16
CA GLN A 117 31.68 -8.09 -31.66
C GLN A 117 30.62 -6.96 -31.70
N LYS A 118 29.38 -7.30 -32.00
CA LYS A 118 28.30 -6.33 -32.07
C LYS A 118 27.99 -5.70 -30.71
N GLY A 119 28.17 -6.47 -29.63
CA GLY A 119 28.09 -5.92 -28.30
C GLY A 119 29.18 -4.89 -27.98
N LEU A 120 30.42 -5.23 -28.29
CA LEU A 120 31.52 -4.32 -28.14
C LEU A 120 31.29 -3.05 -28.99
N ASP A 121 30.73 -3.22 -30.19
CA ASP A 121 30.54 -2.07 -31.08
C ASP A 121 29.53 -1.10 -30.46
N PHE A 122 28.44 -1.63 -29.88
CA PHE A 122 27.48 -0.79 -29.14
C PHE A 122 28.14 0.11 -28.08
N TYR A 123 29.00 -0.45 -27.22
CA TYR A 123 29.63 0.35 -26.17
C TYR A 123 30.77 1.22 -26.72
N ASN A 124 31.47 0.72 -27.73
CA ASN A 124 32.46 1.51 -28.44
C ASN A 124 31.90 2.86 -28.97
N ARG A 125 30.76 2.80 -29.65
CA ARG A 125 30.09 4.01 -30.12
C ARG A 125 29.74 4.99 -28.98
N ILE A 126 29.25 4.48 -27.85
CA ILE A 126 28.92 5.35 -26.74
C ILE A 126 30.17 6.00 -26.14
N ILE A 127 31.23 5.20 -25.99
CA ILE A 127 32.48 5.68 -25.38
C ILE A 127 33.08 6.77 -26.28
N ASP A 128 33.15 6.50 -27.58
CA ASP A 128 33.72 7.47 -28.51
C ASP A 128 32.93 8.76 -28.51
N THR A 129 31.61 8.64 -28.48
CA THR A 129 30.70 9.78 -28.45
C THR A 129 30.89 10.66 -27.22
N LEU A 130 31.01 10.04 -26.04
CA LEU A 130 31.23 10.75 -24.79
C LEU A 130 32.56 11.52 -24.83
N LEU A 131 33.62 10.85 -25.26
CA LEU A 131 34.92 11.47 -25.33
C LEU A 131 34.92 12.68 -26.30
N GLU A 132 34.38 12.48 -27.50
CA GLU A 132 34.25 13.50 -28.52
C GLU A 132 33.61 14.73 -27.90
N LYS A 133 32.69 14.50 -26.99
CA LYS A 133 31.94 15.60 -26.42
C LYS A 133 32.46 16.04 -25.08
N GLY A 134 33.64 15.56 -24.73
CA GLY A 134 34.28 15.88 -23.46
C GLY A 134 33.53 15.45 -22.19
N ILE A 135 32.77 14.36 -22.26
CA ILE A 135 32.21 13.71 -21.08
C ILE A 135 33.09 12.51 -20.65
N THR A 136 33.32 12.39 -19.35
CA THR A 136 34.15 11.31 -18.79
C THR A 136 33.36 10.00 -18.48
N PRO A 137 33.64 8.93 -19.22
CA PRO A 137 32.95 7.66 -18.95
C PRO A 137 33.43 6.97 -17.65
N PHE A 138 32.50 6.71 -16.74
CA PHE A 138 32.78 5.82 -15.59
C PHE A 138 31.99 4.51 -15.84
N VAL A 139 32.72 3.45 -16.17
CA VAL A 139 32.08 2.22 -16.57
C VAL A 139 31.89 1.24 -15.37
N THR A 140 30.65 0.91 -15.04
CA THR A 140 30.39 -0.22 -14.15
C THR A 140 30.43 -1.55 -14.93
N ILE A 141 31.33 -2.43 -14.53
CA ILE A 141 31.47 -3.73 -15.19
C ILE A 141 30.22 -4.64 -14.95
N TYR A 142 29.78 -4.67 -13.70
CA TYR A 142 28.68 -5.51 -13.27
C TYR A 142 27.62 -4.75 -12.51
N HIS A 143 26.49 -4.57 -13.18
CA HIS A 143 25.34 -3.90 -12.58
C HIS A 143 24.11 -4.84 -12.75
N TRP A 144 24.30 -6.09 -12.33
CA TRP A 144 23.25 -7.03 -12.00
C TRP A 144 22.73 -7.91 -13.13
N ASP A 145 23.08 -7.63 -14.39
CA ASP A 145 22.64 -8.52 -15.49
C ASP A 145 23.61 -9.64 -15.82
N LEU A 146 23.79 -10.57 -14.85
CA LEU A 146 24.55 -11.81 -15.07
C LEU A 146 24.01 -12.60 -16.27
N PRO A 147 24.90 -13.14 -17.10
CA PRO A 147 24.47 -14.02 -18.17
C PRO A 147 23.69 -15.17 -17.54
N PHE A 148 22.49 -15.45 -18.07
CA PHE A 148 21.73 -16.58 -17.66
C PHE A 148 22.57 -17.87 -17.73
N ALA A 149 23.43 -18.04 -18.73
CA ALA A 149 24.21 -19.25 -18.86
C ALA A 149 25.09 -19.52 -17.61
N LEU A 150 25.53 -18.46 -16.93
CA LEU A 150 26.31 -18.62 -15.72
C LEU A 150 25.46 -18.92 -14.50
N GLN A 151 24.25 -18.38 -14.44
CA GLN A 151 23.32 -18.73 -13.39
C GLN A 151 22.99 -20.23 -13.40
N LEU A 152 22.89 -20.80 -14.60
CA LEU A 152 22.70 -22.29 -14.73
C LEU A 152 23.85 -23.07 -14.08
N LYS A 153 25.03 -22.46 -13.98
CA LYS A 153 26.15 -23.04 -13.23
C LYS A 153 26.29 -22.46 -11.80
N GLY A 154 25.21 -21.89 -11.27
CA GLY A 154 25.22 -21.39 -9.91
C GLY A 154 25.44 -19.92 -9.70
N GLY A 155 25.87 -19.19 -10.73
CA GLY A 155 26.14 -17.75 -10.64
C GLY A 155 27.08 -17.41 -9.50
N TRP A 156 26.61 -16.51 -8.64
CA TRP A 156 27.42 -15.92 -7.59
C TRP A 156 27.73 -16.93 -6.46
N ALA A 157 26.95 -18.02 -6.44
CA ALA A 157 27.08 -19.14 -5.51
C ALA A 157 28.31 -20.03 -5.81
N ASN A 158 28.80 -19.97 -7.05
CA ASN A 158 29.84 -20.86 -7.53
C ASN A 158 31.20 -20.15 -7.43
N ARG A 159 32.15 -20.75 -6.73
CA ARG A 159 33.49 -20.14 -6.57
C ARG A 159 34.15 -19.82 -7.89
N GLU A 160 33.87 -20.63 -8.92
CA GLU A 160 34.38 -20.40 -10.24
C GLU A 160 34.00 -19.03 -10.85
N ILE A 161 32.98 -18.37 -10.32
CA ILE A 161 32.70 -17.03 -10.84
C ILE A 161 33.84 -16.03 -10.75
N ALA A 162 34.75 -16.21 -9.78
CA ALA A 162 35.95 -15.36 -9.74
C ALA A 162 36.76 -15.42 -11.03
N ASP A 163 36.93 -16.63 -11.60
CA ASP A 163 37.51 -16.82 -12.93
C ASP A 163 36.64 -16.25 -14.07
N TRP A 164 35.34 -16.56 -14.08
CA TRP A 164 34.45 -16.05 -15.16
C TRP A 164 34.49 -14.49 -15.20
N PHE A 165 34.43 -13.88 -14.01
CA PHE A 165 34.42 -12.44 -13.88
C PHE A 165 35.73 -11.82 -14.38
N ALA A 166 36.83 -12.47 -14.01
CA ALA A 166 38.18 -12.05 -14.38
C ALA A 166 38.33 -12.05 -15.90
N GLU A 167 37.84 -13.12 -16.53
CA GLU A 167 37.89 -13.26 -17.97
C GLU A 167 37.04 -12.13 -18.63
N TYR A 168 35.82 -11.93 -18.14
CA TYR A 168 34.95 -10.85 -18.67
C TYR A 168 35.65 -9.47 -18.55
N SER A 169 36.13 -9.17 -17.35
CA SER A 169 36.85 -7.91 -17.10
C SER A 169 38.00 -7.70 -18.06
N ARG A 170 38.81 -8.74 -18.23
CA ARG A 170 39.94 -8.69 -19.14
C ARG A 170 39.50 -8.25 -20.51
N VAL A 171 38.36 -8.80 -20.98
CA VAL A 171 37.89 -8.45 -22.31
C VAL A 171 37.54 -6.96 -22.38
N LEU A 172 36.84 -6.47 -21.37
CA LEU A 172 36.48 -5.04 -21.30
C LEU A 172 37.74 -4.15 -21.28
N PHE A 173 38.68 -4.49 -20.41
CA PHE A 173 39.94 -3.73 -20.33
C PHE A 173 40.68 -3.72 -21.67
N GLU A 174 40.82 -4.88 -22.31
CA GLU A 174 41.56 -4.93 -23.58
C GLU A 174 40.93 -4.14 -24.66
N ASN A 175 39.60 -4.10 -24.66
CA ASN A 175 38.86 -3.43 -25.72
C ASN A 175 38.59 -1.95 -25.48
N PHE A 176 38.38 -1.56 -24.22
CA PHE A 176 38.00 -0.19 -23.94
C PHE A 176 39.00 0.58 -23.12
N GLY A 177 39.97 -0.11 -22.49
CA GLY A 177 40.85 0.51 -21.52
C GLY A 177 41.80 1.55 -22.10
N ASP A 178 41.97 1.56 -23.40
CA ASP A 178 42.66 2.65 -24.09
C ASP A 178 41.93 4.03 -23.95
N ARG A 179 40.59 4.00 -23.90
CA ARG A 179 39.78 5.22 -23.84
C ARG A 179 39.10 5.43 -22.47
N VAL A 180 38.59 4.35 -21.89
CA VAL A 180 37.99 4.43 -20.55
C VAL A 180 39.06 4.27 -19.47
N LYS A 181 39.13 5.23 -18.55
CA LYS A 181 40.14 5.21 -17.48
C LYS A 181 39.56 5.15 -16.09
N ASN A 182 38.24 5.17 -15.97
CA ASN A 182 37.59 5.10 -14.67
C ASN A 182 36.60 3.92 -14.66
N TRP A 183 36.81 2.96 -13.75
CA TRP A 183 36.17 1.66 -13.86
C TRP A 183 35.64 1.28 -12.50
N ILE A 184 34.46 0.65 -12.48
CA ILE A 184 33.85 0.13 -11.24
C ILE A 184 33.57 -1.36 -11.45
N THR A 185 34.06 -2.21 -10.54
CA THR A 185 33.91 -3.66 -10.68
C THR A 185 32.45 -4.08 -10.48
N LEU A 186 31.94 -3.84 -9.26
CA LEU A 186 30.60 -4.27 -8.82
C LEU A 186 29.78 -3.09 -8.41
N ASN A 187 28.50 -3.08 -8.81
CA ASN A 187 27.53 -2.15 -8.27
C ASN A 187 26.82 -2.84 -7.14
N GLU A 188 26.90 -2.26 -5.93
CA GLU A 188 26.13 -2.67 -4.77
C GLU A 188 26.09 -4.18 -4.49
N PRO A 189 27.24 -4.79 -4.23
CA PRO A 189 27.27 -6.25 -3.99
C PRO A 189 26.39 -6.71 -2.80
N TRP A 190 26.09 -5.83 -1.84
CA TRP A 190 25.19 -6.24 -0.76
C TRP A 190 23.83 -6.61 -1.37
N VAL A 191 23.35 -5.76 -2.30
CA VAL A 191 22.06 -5.97 -2.95
C VAL A 191 22.09 -7.27 -3.74
N VAL A 192 23.14 -7.45 -4.53
CA VAL A 192 23.29 -8.62 -5.40
C VAL A 192 23.17 -9.89 -4.57
N ALA A 193 23.91 -9.94 -3.44
CA ALA A 193 23.93 -11.09 -2.58
C ALA A 193 22.66 -11.26 -1.82
N ILE A 194 22.27 -10.25 -1.05
CA ILE A 194 21.26 -10.43 -0.07
C ILE A 194 19.84 -10.25 -0.67
N VAL A 195 19.68 -9.28 -1.55
CA VAL A 195 18.37 -9.07 -2.15
C VAL A 195 18.11 -10.12 -3.24
N GLY A 196 19.18 -10.56 -3.91
CA GLY A 196 19.06 -11.56 -4.96
C GLY A 196 18.98 -12.99 -4.44
N HIS A 197 19.62 -13.28 -3.30
CA HIS A 197 19.75 -14.66 -2.83
C HIS A 197 19.22 -14.98 -1.43
N LEU A 198 18.91 -13.96 -0.62
CA LEU A 198 18.26 -14.15 0.67
C LEU A 198 16.82 -13.66 0.67
N TYR A 199 16.55 -12.46 0.16
CA TYR A 199 15.17 -12.00 0.10
C TYR A 199 14.44 -12.55 -1.11
N GLY A 200 15.20 -12.91 -2.14
CA GLY A 200 14.62 -13.32 -3.41
C GLY A 200 13.81 -12.29 -4.15
N VAL A 201 13.99 -11.02 -3.80
CA VAL A 201 13.25 -9.96 -4.44
C VAL A 201 13.84 -9.52 -5.80
N HIS A 202 15.10 -9.84 -6.02
CA HIS A 202 15.81 -9.48 -7.25
C HIS A 202 16.32 -10.76 -7.85
N ALA A 203 16.63 -10.74 -9.17
CA ALA A 203 17.25 -11.91 -9.81
C ALA A 203 18.52 -12.40 -8.99
N PRO A 204 18.81 -13.69 -8.87
CA PRO A 204 18.03 -14.76 -9.48
C PRO A 204 16.87 -15.21 -8.62
N GLY A 205 16.47 -14.51 -7.56
CA GLY A 205 15.21 -14.78 -6.87
C GLY A 205 15.24 -15.94 -5.90
N MET A 206 16.36 -16.09 -5.21
CA MET A 206 16.58 -17.20 -4.30
C MET A 206 16.42 -16.76 -2.82
N ARG A 207 16.18 -17.72 -1.94
CA ARG A 207 15.96 -17.40 -0.53
C ARG A 207 16.68 -18.44 0.26
N ASP A 208 18.01 -18.31 0.31
CA ASP A 208 18.82 -19.26 1.04
C ASP A 208 19.98 -18.51 1.67
N ILE A 209 20.04 -18.47 3.02
CA ILE A 209 21.04 -17.57 3.69
C ILE A 209 22.47 -18.06 3.50
N TYR A 210 22.64 -19.37 3.39
CA TYR A 210 23.94 -19.95 3.08
C TYR A 210 24.40 -19.61 1.66
N VAL A 211 23.47 -19.60 0.72
CA VAL A 211 23.88 -19.16 -0.64
C VAL A 211 24.24 -17.66 -0.63
N ALA A 212 23.45 -16.88 0.10
CA ALA A 212 23.62 -15.42 0.09
C ALA A 212 24.97 -14.98 0.62
N PHE A 213 25.48 -15.65 1.67
CA PHE A 213 26.82 -15.31 2.19
C PHE A 213 27.96 -15.92 1.39
N ARG A 214 27.71 -17.06 0.75
CA ARG A 214 28.66 -17.48 -0.29
C ARG A 214 28.78 -16.49 -1.44
N ALA A 215 27.65 -15.90 -1.81
CA ALA A 215 27.69 -14.84 -2.84
C ALA A 215 28.40 -13.57 -2.38
N VAL A 216 28.15 -13.09 -1.15
CA VAL A 216 29.03 -12.07 -0.53
C VAL A 216 30.45 -12.33 -0.82
N HIS A 217 30.89 -13.55 -0.56
CA HIS A 217 32.32 -13.85 -0.46
C HIS A 217 32.90 -13.96 -1.86
N ASN A 218 32.15 -14.68 -2.70
CA ASN A 218 32.51 -14.74 -4.11
C ASN A 218 32.54 -13.40 -4.87
N LEU A 219 31.63 -12.48 -4.55
CA LEU A 219 31.67 -11.11 -5.07
C LEU A 219 32.99 -10.42 -4.72
N LEU A 220 33.42 -10.54 -3.46
CA LEU A 220 34.74 -10.03 -3.03
C LEU A 220 35.89 -10.67 -3.84
N ARG A 221 35.86 -12.00 -4.00
CA ARG A 221 36.93 -12.66 -4.74
C ARG A 221 36.93 -12.28 -6.20
N ALA A 222 35.74 -12.16 -6.79
CA ALA A 222 35.70 -11.78 -8.19
C ALA A 222 36.13 -10.29 -8.31
N HIS A 223 35.66 -9.42 -7.41
CA HIS A 223 36.15 -8.02 -7.45
C HIS A 223 37.69 -7.98 -7.39
N ALA A 224 38.28 -8.73 -6.46
CA ALA A 224 39.74 -8.69 -6.30
C ALA A 224 40.44 -9.27 -7.51
N ARG A 225 39.88 -10.34 -8.07
CA ARG A 225 40.45 -10.84 -9.30
C ARG A 225 40.42 -9.87 -10.48
N ALA A 226 39.30 -9.14 -10.64
CA ALA A 226 39.23 -8.16 -11.73
C ALA A 226 40.24 -7.02 -11.50
N VAL A 227 40.38 -6.54 -10.28
CA VAL A 227 41.39 -5.47 -9.97
C VAL A 227 42.83 -5.90 -10.37
N LYS A 228 43.20 -7.13 -9.95
CA LYS A 228 44.43 -7.81 -10.37
C LYS A 228 44.67 -7.78 -11.90
N VAL A 229 43.67 -8.18 -12.67
CA VAL A 229 43.83 -8.16 -14.12
C VAL A 229 43.96 -6.70 -14.66
N PHE A 230 43.20 -5.79 -14.07
CA PHE A 230 43.24 -4.37 -14.44
C PHE A 230 44.66 -3.78 -14.36
N ARG A 231 45.37 -4.02 -13.24
CA ARG A 231 46.78 -3.60 -13.09
C ARG A 231 47.69 -4.12 -14.18
N GLU A 232 47.34 -5.25 -14.77
CA GLU A 232 48.11 -5.84 -15.87
C GLU A 232 47.74 -5.35 -17.25
N THR A 233 46.59 -4.69 -17.39
CA THR A 233 46.13 -4.36 -18.74
C THR A 233 45.83 -2.88 -18.94
N VAL A 234 45.56 -2.11 -17.88
CA VAL A 234 45.28 -0.67 -18.02
C VAL A 234 46.18 0.06 -17.04
N LYS A 235 47.42 0.33 -17.43
CA LYS A 235 48.39 0.77 -16.41
C LYS A 235 48.23 2.24 -15.93
N ASP A 236 47.52 3.08 -16.73
CA ASP A 236 47.14 4.46 -16.41
C ASP A 236 45.68 4.63 -15.95
N GLY A 237 45.01 3.55 -15.58
CA GLY A 237 43.61 3.66 -15.19
C GLY A 237 43.36 3.75 -13.70
N LYS A 238 42.11 4.03 -13.31
CA LYS A 238 41.65 3.94 -11.94
C LYS A 238 40.41 3.02 -11.78
N ILE A 239 40.42 2.19 -10.74
CA ILE A 239 39.36 1.23 -10.50
C ILE A 239 38.90 1.22 -9.06
N GLY A 240 37.59 1.12 -8.87
CA GLY A 240 37.00 1.10 -7.55
C GLY A 240 35.78 0.18 -7.52
N ILE A 241 34.91 0.44 -6.56
CA ILE A 241 33.74 -0.44 -6.28
C ILE A 241 32.71 0.39 -5.53
N VAL A 242 31.42 0.06 -5.70
CA VAL A 242 30.31 0.92 -5.27
C VAL A 242 29.45 0.18 -4.29
N PHE A 243 29.09 0.85 -3.21
CA PHE A 243 28.30 0.23 -2.19
C PHE A 243 27.07 1.06 -1.89
N ASN A 244 25.95 0.41 -1.60
CA ASN A 244 24.79 1.05 -1.03
C ASN A 244 24.96 1.34 0.50
N ASN A 245 24.32 2.39 0.97
CA ASN A 245 24.39 2.76 2.38
C ASN A 245 23.12 3.42 2.84
N GLY A 246 22.72 3.12 4.07
CA GLY A 246 21.69 3.90 4.73
C GLY A 246 22.27 4.63 5.95
N TYR A 247 21.61 5.72 6.39
CA TYR A 247 21.97 6.39 7.67
C TYR A 247 21.12 5.79 8.77
N PHE A 248 21.70 4.94 9.59
CA PHE A 248 20.91 4.32 10.64
C PHE A 248 21.05 5.05 12.01
N GLU A 249 19.92 5.26 12.70
CA GLU A 249 19.88 5.92 14.00
C GLU A 249 19.08 5.07 14.97
N PRO A 250 19.43 5.11 16.25
CA PRO A 250 18.79 4.24 17.24
C PRO A 250 17.42 4.81 17.64
N ALA A 251 16.49 3.92 17.99
CA ALA A 251 15.12 4.33 18.34
C ALA A 251 15.13 4.99 19.70
N SER A 252 15.93 4.41 20.58
CA SER A 252 16.05 4.80 21.97
C SER A 252 17.51 5.23 22.24
N GLU A 253 17.86 5.37 23.52
CA GLU A 253 19.23 5.57 23.99
C GLU A 253 19.68 4.30 24.69
N LYS A 254 18.88 3.24 24.62
CA LYS A 254 19.28 2.00 25.27
C LYS A 254 20.50 1.43 24.56
N GLU A 255 21.30 0.70 25.33
CA GLU A 255 22.48 0.01 24.81
C GLU A 255 22.12 -0.81 23.54
N GLU A 256 21.30 -1.85 23.72
CA GLU A 256 20.91 -2.78 22.65
C GLU A 256 20.49 -2.08 21.34
N ASP A 257 19.86 -0.91 21.46
CA ASP A 257 19.44 -0.13 20.30
C ASP A 257 20.63 0.47 19.52
N ILE A 258 21.63 0.98 20.25
CA ILE A 258 22.79 1.64 19.66
C ILE A 258 23.60 0.55 18.95
N ARG A 259 23.54 -0.66 19.53
CA ARG A 259 24.18 -1.84 18.98
C ARG A 259 23.49 -2.36 17.70
N ALA A 260 22.17 -2.28 17.66
CA ALA A 260 21.43 -2.78 16.51
C ALA A 260 21.82 -1.86 15.35
N VAL A 261 22.07 -0.59 15.66
CA VAL A 261 22.58 0.36 14.69
C VAL A 261 24.01 0.03 14.21
N ARG A 262 24.85 -0.48 15.11
CA ARG A 262 26.20 -0.84 14.72
C ARG A 262 26.17 -2.12 13.87
N PHE A 263 25.24 -3.02 14.17
CA PHE A 263 25.04 -4.15 13.29
C PHE A 263 24.63 -3.74 11.86
N MET A 264 23.64 -2.87 11.77
CA MET A 264 23.13 -2.47 10.46
C MET A 264 24.16 -1.77 9.62
N HIS A 265 24.99 -0.93 10.24
CA HIS A 265 25.99 -0.20 9.48
C HIS A 265 26.98 -1.21 8.98
N GLN A 266 27.31 -2.20 9.80
CA GLN A 266 28.36 -3.13 9.46
C GLN A 266 27.87 -4.10 8.39
N PHE A 267 26.58 -4.41 8.40
CA PHE A 267 26.00 -5.41 7.48
C PHE A 267 25.49 -4.75 6.19
N ASN A 268 24.70 -3.70 6.33
CA ASN A 268 24.09 -3.04 5.17
C ASN A 268 25.00 -1.99 4.50
N ASN A 269 25.98 -1.43 5.23
CA ASN A 269 26.77 -0.38 4.59
C ASN A 269 28.11 -0.90 4.12
N TYR A 270 28.95 -0.02 3.58
CA TYR A 270 30.28 -0.38 3.06
C TYR A 270 31.21 -1.30 3.92
N PRO A 271 31.08 -1.37 5.27
CA PRO A 271 32.05 -2.19 6.06
C PRO A 271 32.04 -3.67 5.69
N LEU A 272 30.86 -4.19 5.33
CA LEU A 272 30.78 -5.58 4.88
C LEU A 272 31.83 -5.93 3.88
N PHE A 273 32.13 -5.00 2.98
CA PHE A 273 33.11 -5.24 1.92
C PHE A 273 34.45 -4.54 2.17
N LEU A 274 34.42 -3.37 2.78
CA LEU A 274 35.66 -2.58 3.01
C LEU A 274 36.54 -3.11 4.18
N ASN A 275 35.89 -3.72 5.17
CA ASN A 275 36.63 -4.42 6.19
C ASN A 275 37.48 -5.52 5.62
N PRO A 276 36.93 -6.44 4.79
CA PRO A 276 37.79 -7.38 4.05
C PRO A 276 38.83 -6.71 3.16
N ILE A 277 38.45 -5.69 2.41
CA ILE A 277 39.36 -5.14 1.41
C ILE A 277 40.55 -4.44 2.13
N TYR A 278 40.24 -3.68 3.21
CA TYR A 278 41.26 -2.92 3.97
C TYR A 278 41.86 -3.67 5.18
N ARG A 279 41.07 -4.44 5.92
CA ARG A 279 41.59 -5.18 7.08
C ARG A 279 41.75 -6.70 6.98
N GLY A 280 41.20 -7.32 5.92
CA GLY A 280 41.34 -8.74 5.69
C GLY A 280 40.38 -9.61 6.51
N ASP A 281 39.25 -9.08 6.93
CA ASP A 281 38.24 -9.95 7.54
C ASP A 281 36.90 -9.24 7.50
N TYR A 282 35.81 -9.96 7.79
CA TYR A 282 34.49 -9.36 7.78
C TYR A 282 34.38 -8.59 9.07
N PRO A 283 33.50 -7.58 9.13
CA PRO A 283 33.35 -6.81 10.37
C PRO A 283 32.78 -7.71 11.49
N GLU A 284 33.07 -7.30 12.72
CA GLU A 284 32.87 -8.08 13.95
C GLU A 284 31.43 -8.52 14.14
N LEU A 285 30.48 -7.61 14.06
CA LEU A 285 29.10 -8.01 14.30
C LEU A 285 28.56 -8.89 13.15
N VAL A 286 29.18 -8.77 11.96
CA VAL A 286 28.78 -9.61 10.82
C VAL A 286 29.19 -11.04 11.11
N LEU A 287 30.41 -11.21 11.61
CA LEU A 287 30.86 -12.54 12.03
C LEU A 287 30.00 -13.12 13.15
N GLU A 288 29.63 -12.32 14.14
CA GLU A 288 28.75 -12.82 15.20
C GLU A 288 27.44 -13.47 14.62
N PHE A 289 26.75 -12.72 13.78
CA PHE A 289 25.51 -13.20 13.12
C PHE A 289 25.74 -14.29 12.04
N ALA A 290 26.81 -14.18 11.26
CA ALA A 290 26.88 -14.91 10.00
C ALA A 290 28.03 -15.87 9.78
N ARG A 291 28.85 -16.19 10.80
CA ARG A 291 30.03 -17.03 10.57
C ARG A 291 29.56 -18.40 10.12
N GLU A 292 28.41 -18.85 10.62
CA GLU A 292 27.87 -20.18 10.27
C GLU A 292 27.57 -20.31 8.77
N TYR A 293 27.29 -19.17 8.14
CA TYR A 293 26.79 -19.17 6.75
C TYR A 293 27.91 -18.99 5.74
N LEU A 294 29.09 -18.61 6.22
CA LEU A 294 30.21 -18.36 5.34
C LEU A 294 30.97 -19.61 5.08
N PRO A 295 31.66 -19.70 3.94
CA PRO A 295 32.42 -20.95 3.70
C PRO A 295 33.43 -21.27 4.82
N GLU A 296 33.74 -22.57 4.97
CA GLU A 296 34.58 -23.02 6.10
C GLU A 296 35.94 -22.34 6.09
N ASN A 297 36.72 -22.34 5.06
CA ASN A 297 38.00 -21.68 5.21
C ASN A 297 38.03 -20.33 4.48
N TYR A 298 37.03 -19.48 4.74
CA TYR A 298 36.87 -18.27 3.94
C TYR A 298 38.12 -17.38 4.11
N LYS A 299 38.76 -17.51 5.27
CA LYS A 299 39.94 -16.70 5.60
C LYS A 299 41.07 -16.94 4.65
N ASP A 300 41.14 -18.13 4.04
CA ASP A 300 42.22 -18.33 3.10
C ASP A 300 42.10 -17.38 1.91
N ASP A 301 40.92 -16.78 1.69
CA ASP A 301 40.79 -15.95 0.47
C ASP A 301 41.14 -14.51 0.76
N MET A 302 41.30 -14.18 2.05
CA MET A 302 41.37 -12.76 2.46
C MET A 302 42.58 -12.01 1.95
N SER A 303 43.72 -12.68 1.78
CA SER A 303 44.90 -11.90 1.41
C SER A 303 44.72 -11.42 0.00
N GLU A 304 44.13 -12.28 -0.86
CA GLU A 304 43.92 -11.87 -2.25
C GLU A 304 42.84 -10.81 -2.37
N ILE A 305 41.85 -10.86 -1.49
CA ILE A 305 40.76 -9.88 -1.42
C ILE A 305 41.26 -8.45 -1.12
N GLN A 306 42.43 -8.36 -0.48
CA GLN A 306 42.98 -7.05 -0.11
C GLN A 306 43.65 -6.25 -1.22
N GLU A 307 43.60 -6.75 -2.44
CA GLU A 307 44.03 -6.06 -3.66
C GLU A 307 43.68 -4.56 -3.57
N LYS A 308 44.68 -3.69 -3.83
CA LYS A 308 44.47 -2.27 -3.59
C LYS A 308 43.54 -1.63 -4.63
N ILE A 309 42.57 -0.90 -4.14
CA ILE A 309 41.66 -0.12 -4.99
C ILE A 309 42.04 1.37 -4.96
N ASP A 310 41.66 2.06 -6.05
CA ASP A 310 41.86 3.51 -6.25
C ASP A 310 40.78 4.42 -5.68
N PHE A 311 39.53 3.96 -5.63
CA PHE A 311 38.45 4.76 -5.03
C PHE A 311 37.30 3.89 -4.52
N VAL A 312 36.49 4.47 -3.63
CA VAL A 312 35.25 3.88 -3.13
C VAL A 312 34.08 4.73 -3.71
N GLY A 313 33.09 4.06 -4.30
CA GLY A 313 31.85 4.73 -4.62
C GLY A 313 30.86 4.53 -3.50
N LEU A 314 30.26 5.60 -2.99
CA LEU A 314 29.20 5.42 -1.98
C LEU A 314 27.87 5.94 -2.51
N ASN A 315 26.85 5.11 -2.41
CA ASN A 315 25.47 5.49 -2.74
C ASN A 315 24.75 5.86 -1.45
N TYR A 316 23.78 6.75 -1.54
CA TYR A 316 23.00 7.15 -0.38
C TYR A 316 21.61 7.72 -0.77
N TYR A 317 20.55 7.29 -0.10
CA TYR A 317 19.21 7.79 -0.38
C TYR A 317 18.45 8.21 0.87
N SER A 318 18.64 7.46 1.97
CA SER A 318 17.79 7.64 3.15
C SER A 318 18.30 7.19 4.53
N GLY A 319 17.53 7.55 5.55
CA GLY A 319 17.83 7.13 6.91
C GLY A 319 16.73 6.29 7.52
N HIS A 320 17.10 5.54 8.56
CA HIS A 320 16.24 4.53 9.10
C HIS A 320 16.40 4.47 10.59
N LEU A 321 15.25 4.59 11.26
CA LEU A 321 15.19 4.43 12.70
C LEU A 321 15.10 2.95 12.93
N VAL A 322 15.93 2.45 13.85
CA VAL A 322 16.00 1.04 14.14
C VAL A 322 16.15 0.74 15.63
N LYS A 323 15.62 -0.42 16.02
CA LYS A 323 15.65 -0.85 17.40
C LYS A 323 15.94 -2.33 17.43
N PHE A 324 16.60 -2.78 18.50
CA PHE A 324 16.70 -4.20 18.78
C PHE A 324 15.28 -4.69 18.84
N ASP A 325 15.07 -5.89 18.31
CA ASP A 325 13.79 -6.57 18.32
C ASP A 325 14.09 -8.08 18.38
N PRO A 326 13.66 -8.74 19.48
CA PRO A 326 13.96 -10.17 19.71
C PRO A 326 13.18 -11.06 18.75
N PRO A 329 14.74 -11.86 13.22
CA PRO A 329 15.89 -12.33 12.43
C PRO A 329 16.92 -11.21 12.29
N ALA A 330 18.14 -11.47 12.69
CA ALA A 330 19.13 -10.40 12.75
C ALA A 330 18.92 -9.56 14.02
N LYS A 331 17.76 -9.77 14.68
CA LYS A 331 17.41 -9.12 15.94
C LYS A 331 17.22 -7.61 15.78
N VAL A 332 16.69 -7.21 14.61
CA VAL A 332 16.57 -5.80 14.27
C VAL A 332 15.29 -5.52 13.50
N SER A 333 14.65 -4.41 13.84
CA SER A 333 13.48 -3.94 13.13
C SER A 333 13.61 -2.46 12.84
N PHE A 334 12.88 -2.00 11.83
CA PHE A 334 12.85 -0.59 11.51
C PHE A 334 11.63 -0.01 12.20
N VAL A 335 11.70 1.25 12.57
CA VAL A 335 10.48 1.92 13.04
C VAL A 335 10.22 3.16 12.21
N GLU A 336 8.97 3.25 11.74
CA GLU A 336 8.55 4.36 10.94
C GLU A 336 8.59 5.70 11.71
N ARG A 337 9.05 6.74 11.04
CA ARG A 337 9.24 8.06 11.60
C ARG A 337 8.24 8.96 10.87
N ASP A 338 7.90 10.11 11.43
CA ASP A 338 7.14 11.07 10.66
C ASP A 338 7.89 11.44 9.36
N LEU A 339 8.64 12.53 9.36
CA LEU A 339 9.54 12.89 8.25
C LEU A 339 8.97 12.77 6.83
N PRO A 340 9.27 13.72 5.96
CA PRO A 340 8.86 13.56 4.56
C PRO A 340 9.54 12.33 3.91
N LYS A 341 8.79 11.66 3.03
CA LYS A 341 9.27 10.48 2.31
C LYS A 341 9.16 10.70 0.81
N THR A 342 9.92 9.91 0.05
CA THR A 342 9.83 9.88 -1.41
C THR A 342 8.72 8.91 -1.81
N ALA A 343 8.49 8.74 -3.11
CA ALA A 343 7.53 7.75 -3.59
C ALA A 343 7.95 6.33 -3.25
N MET A 344 9.25 6.11 -3.01
CA MET A 344 9.71 4.82 -2.51
C MET A 344 9.29 4.52 -1.05
N GLY A 345 8.81 5.55 -0.35
CA GLY A 345 8.55 5.44 1.08
C GLY A 345 9.80 5.67 1.91
N TRP A 346 10.84 6.24 1.29
CA TRP A 346 12.14 6.38 1.93
C TRP A 346 12.24 7.74 2.66
N GLU A 347 12.64 7.71 3.93
CA GLU A 347 12.78 8.93 4.74
C GLU A 347 13.91 9.84 4.26
N ILE A 348 13.55 11.10 3.98
CA ILE A 348 14.47 12.12 3.51
C ILE A 348 15.32 12.68 4.67
N VAL A 349 16.57 12.21 4.79
CA VAL A 349 17.46 12.60 5.90
C VAL A 349 18.82 13.04 5.37
N PRO A 350 18.91 14.29 4.94
CA PRO A 350 20.06 14.75 4.17
C PRO A 350 21.40 14.62 4.89
N GLU A 351 21.42 14.76 6.22
CA GLU A 351 22.69 14.67 6.95
C GLU A 351 23.31 13.27 6.94
N GLY A 352 22.56 12.30 6.39
CA GLY A 352 23.07 10.96 6.18
C GLY A 352 24.25 10.95 5.24
N ILE A 353 24.14 11.69 4.14
CA ILE A 353 25.19 11.70 3.15
C ILE A 353 26.51 12.26 3.72
N TYR A 354 26.37 13.24 4.62
CA TYR A 354 27.52 13.82 5.30
C TYR A 354 28.06 12.78 6.29
N TRP A 355 27.19 12.18 7.09
CA TRP A 355 27.61 11.17 8.03
C TRP A 355 28.40 10.02 7.37
N ILE A 356 27.85 9.44 6.31
CA ILE A 356 28.49 8.34 5.63
C ILE A 356 29.81 8.76 4.98
N LEU A 357 29.87 9.99 4.47
CA LEU A 357 31.14 10.47 3.94
C LEU A 357 32.20 10.58 5.03
N LYS A 358 31.79 11.03 6.22
CA LYS A 358 32.72 11.22 7.33
C LYS A 358 33.16 9.88 7.87
N LYS A 359 32.19 8.96 7.97
CA LYS A 359 32.46 7.65 8.54
C LYS A 359 33.46 6.91 7.67
N VAL A 360 33.30 6.96 6.35
CA VAL A 360 34.18 6.20 5.49
C VAL A 360 35.64 6.65 5.61
N LYS A 361 35.83 7.96 5.77
CA LYS A 361 37.16 8.52 6.03
C LYS A 361 37.68 8.01 7.39
N GLU A 362 36.86 8.15 8.42
CA GLU A 362 37.20 7.65 9.76
C GLU A 362 37.63 6.19 9.75
N GLU A 363 36.83 5.32 9.11
CA GLU A 363 37.05 3.89 9.28
C GLU A 363 38.13 3.31 8.42
N TYR A 364 38.23 3.74 7.15
CA TYR A 364 39.17 3.08 6.22
C TYR A 364 40.03 4.06 5.46
N ASN A 365 39.69 5.35 5.52
CA ASN A 365 40.48 6.40 4.85
C ASN A 365 40.87 6.12 3.40
N PRO A 366 39.90 5.88 2.50
CA PRO A 366 40.27 5.57 1.11
C PRO A 366 40.84 6.82 0.47
N PRO A 367 41.76 6.70 -0.46
CA PRO A 367 42.39 7.88 -1.05
C PRO A 367 41.43 8.78 -1.86
N GLU A 368 40.41 8.19 -2.52
CA GLU A 368 39.34 8.95 -3.18
C GLU A 368 37.96 8.32 -2.95
N VAL A 369 36.94 9.18 -2.80
CA VAL A 369 35.56 8.77 -2.69
C VAL A 369 34.75 9.51 -3.75
N TYR A 370 33.76 8.83 -4.34
CA TYR A 370 32.73 9.49 -5.16
C TYR A 370 31.37 9.18 -4.57
N ILE A 371 30.43 10.10 -4.65
CA ILE A 371 29.03 9.73 -4.44
C ILE A 371 28.58 9.20 -5.81
N THR A 372 28.26 7.91 -5.88
CA THR A 372 28.02 7.29 -7.17
C THR A 372 26.49 7.19 -7.48
N GLU A 373 25.66 7.54 -6.49
CA GLU A 373 24.22 7.54 -6.59
C GLU A 373 23.65 8.47 -5.55
N ASN A 374 22.78 9.38 -5.93
CA ASN A 374 21.97 10.15 -4.98
C ASN A 374 20.82 10.70 -5.78
N GLY A 375 19.63 10.64 -5.22
CA GLY A 375 18.49 11.08 -5.98
C GLY A 375 17.23 10.66 -5.32
N ALA A 376 16.14 10.79 -6.05
CA ALA A 376 14.83 10.57 -5.46
C ALA A 376 13.80 10.16 -6.50
N ALA A 377 12.85 9.36 -6.06
CA ALA A 377 11.68 9.08 -6.88
C ALA A 377 10.50 9.90 -6.38
N PHE A 378 9.87 10.64 -7.29
CA PHE A 378 8.63 11.35 -6.99
C PHE A 378 7.63 11.09 -8.11
N ASP A 379 6.34 11.29 -7.79
CA ASP A 379 5.26 11.04 -8.73
C ASP A 379 5.18 12.21 -9.68
N ASP A 380 6.17 12.30 -10.56
CA ASP A 380 6.22 13.34 -11.59
C ASP A 380 5.05 13.29 -12.53
N VAL A 381 4.60 14.48 -12.94
CA VAL A 381 3.64 14.64 -14.05
C VAL A 381 4.07 15.77 -14.97
N VAL A 382 3.79 15.61 -16.27
CA VAL A 382 3.90 16.70 -17.21
C VAL A 382 2.68 17.63 -17.04
N SER A 383 2.94 18.87 -16.67
CA SER A 383 1.93 19.93 -16.63
C SER A 383 1.53 20.39 -18.02
N GLU A 384 0.48 21.21 -18.08
CA GLU A 384 -0.12 21.61 -19.36
C GLU A 384 0.83 22.56 -20.06
N ASP A 385 1.63 23.25 -19.27
CA ASP A 385 2.77 24.02 -19.78
C ASP A 385 3.95 23.21 -20.37
N GLY A 386 3.85 21.88 -20.35
CA GLY A 386 4.83 21.02 -21.01
C GLY A 386 6.13 20.77 -20.23
N ARG A 387 6.14 21.15 -18.97
CA ARG A 387 7.28 21.10 -18.06
C ARG A 387 6.99 20.16 -16.85
N VAL A 388 8.04 19.58 -16.25
CA VAL A 388 7.90 18.79 -15.04
C VAL A 388 8.41 19.58 -13.85
N HIS A 389 7.50 19.99 -12.99
CA HIS A 389 7.83 20.88 -11.90
C HIS A 389 8.14 20.07 -10.67
N ASP A 390 9.30 19.43 -10.69
CA ASP A 390 9.69 18.59 -9.57
C ASP A 390 10.52 19.29 -8.51
N GLN A 391 9.89 20.29 -7.89
CA GLN A 391 10.50 21.11 -6.87
C GLN A 391 10.93 20.21 -5.72
N ASN A 392 10.15 19.16 -5.49
CA ASN A 392 10.46 18.18 -4.47
C ASN A 392 11.83 17.48 -4.66
N ARG A 393 12.19 17.19 -5.90
CA ARG A 393 13.51 16.63 -6.25
C ARG A 393 14.65 17.64 -6.18
N ILE A 394 14.40 18.88 -6.64
CA ILE A 394 15.36 19.98 -6.51
C ILE A 394 15.71 20.14 -5.06
N ASP A 395 14.69 20.21 -4.21
CA ASP A 395 14.91 20.41 -2.78
C ASP A 395 15.74 19.26 -2.25
N TYR A 396 15.45 18.06 -2.75
CA TYR A 396 16.15 16.87 -2.28
C TYR A 396 17.64 16.95 -2.74
N LEU A 397 17.87 17.16 -4.01
CA LEU A 397 19.21 17.23 -4.55
C LEU A 397 20.06 18.33 -3.85
N LYS A 398 19.47 19.53 -3.74
CA LYS A 398 20.09 20.70 -3.11
C LYS A 398 20.54 20.45 -1.68
N ALA A 399 19.66 19.92 -0.84
CA ALA A 399 20.03 19.58 0.53
C ALA A 399 21.22 18.62 0.64
N HIS A 400 21.25 17.61 -0.23
CA HIS A 400 22.27 16.54 -0.17
C HIS A 400 23.58 17.01 -0.76
N ILE A 401 23.52 17.75 -1.88
CA ILE A 401 24.72 18.39 -2.44
C ILE A 401 25.39 19.33 -1.41
N GLY A 402 24.56 20.07 -0.66
CA GLY A 402 24.98 20.86 0.48
C GLY A 402 25.71 20.08 1.56
N GLN A 403 25.17 18.91 1.91
CA GLN A 403 25.82 18.04 2.91
C GLN A 403 27.14 17.44 2.41
N ALA A 404 27.21 17.18 1.11
CA ALA A 404 28.44 16.63 0.52
C ALA A 404 29.54 17.71 0.43
N TRP A 405 29.11 18.95 0.23
CA TRP A 405 29.99 20.09 0.22
C TRP A 405 30.65 20.19 1.60
N LYS A 406 29.82 20.02 2.63
CA LYS A 406 30.24 20.14 4.01
C LYS A 406 31.37 19.18 4.30
N ALA A 407 31.14 17.91 3.96
CA ALA A 407 32.14 16.85 4.07
C ALA A 407 33.46 17.20 3.40
N ILE A 408 33.38 17.87 2.27
CA ILE A 408 34.57 18.30 1.57
C ILE A 408 35.32 19.38 2.36
N GLN A 409 34.58 20.32 2.94
CA GLN A 409 35.18 21.35 3.79
C GLN A 409 35.89 20.75 4.99
N GLU A 410 35.47 19.57 5.45
CA GLU A 410 36.11 18.88 6.59
C GLU A 410 37.05 17.76 6.15
N GLY A 411 37.48 17.81 4.89
CA GLY A 411 38.59 16.97 4.44
C GLY A 411 38.33 15.60 3.82
N VAL A 412 37.07 15.24 3.57
CA VAL A 412 36.76 13.99 2.88
C VAL A 412 37.20 14.18 1.44
N PRO A 413 38.02 13.28 0.90
CA PRO A 413 38.49 13.43 -0.48
C PRO A 413 37.43 13.06 -1.55
N LEU A 414 36.23 13.64 -1.41
CA LEU A 414 35.16 13.52 -2.40
C LEU A 414 35.51 14.17 -3.74
N LYS A 415 35.58 13.35 -4.79
CA LYS A 415 36.01 13.85 -6.09
C LYS A 415 34.88 14.00 -7.10
N GLY A 416 33.69 13.54 -6.76
CA GLY A 416 32.64 13.50 -7.76
C GLY A 416 31.30 13.19 -7.14
N TYR A 417 30.26 13.46 -7.92
CA TYR A 417 28.88 13.31 -7.47
C TYR A 417 28.00 12.93 -8.66
N PHE A 418 27.25 11.83 -8.56
CA PHE A 418 26.47 11.30 -9.69
C PHE A 418 25.01 11.22 -9.27
N VAL A 419 24.17 11.93 -10.01
CA VAL A 419 22.74 11.87 -9.74
C VAL A 419 22.19 10.53 -10.33
N TRP A 420 21.45 9.81 -9.54
CA TRP A 420 20.65 8.70 -10.07
C TRP A 420 19.26 9.29 -10.22
N SER A 421 18.77 9.47 -11.45
CA SER A 421 19.36 8.97 -12.70
C SER A 421 19.26 10.05 -13.78
N LEU A 422 20.03 9.93 -14.87
CA LEU A 422 19.71 10.70 -16.05
C LEU A 422 18.18 10.56 -16.39
N LEU A 423 17.70 9.34 -16.56
CA LEU A 423 16.40 9.10 -17.17
C LEU A 423 15.53 8.34 -16.18
N ASP A 424 14.24 8.63 -16.17
CA ASP A 424 13.24 7.68 -15.61
C ASP A 424 13.52 6.33 -16.28
N ASN A 425 13.51 5.24 -15.53
CA ASN A 425 13.89 3.96 -16.11
C ASN A 425 13.25 2.74 -15.41
N PHE A 426 13.66 1.51 -15.76
CA PHE A 426 13.11 0.28 -15.14
C PHE A 426 13.66 0.16 -13.74
N GLU A 427 12.83 0.38 -12.72
CA GLU A 427 13.29 0.29 -11.33
C GLU A 427 13.16 -1.12 -10.74
N TRP A 428 13.82 -2.09 -11.40
CA TRP A 428 13.91 -3.45 -10.88
C TRP A 428 12.53 -4.06 -10.48
N ALA A 429 12.34 -4.57 -9.29
CA ALA A 429 11.07 -5.22 -8.98
C ALA A 429 9.91 -4.22 -8.90
N GLU A 430 10.22 -2.91 -8.86
CA GLU A 430 9.21 -1.86 -8.96
C GLU A 430 8.77 -1.53 -10.39
N GLY A 431 9.44 -2.11 -11.40
CA GLY A 431 9.13 -1.76 -12.79
C GLY A 431 9.19 -0.25 -13.12
N TYR A 432 8.35 0.19 -14.06
CA TYR A 432 8.38 1.58 -14.52
C TYR A 432 7.66 2.57 -13.60
N SER A 433 7.17 2.11 -12.47
CA SER A 433 6.30 2.92 -11.64
C SER A 433 7.06 3.89 -10.71
N LYS A 434 8.37 3.75 -10.60
CA LYS A 434 9.19 4.69 -9.84
C LYS A 434 10.10 5.47 -10.77
N ARG A 435 9.97 6.80 -10.73
CA ARG A 435 10.71 7.66 -11.63
C ARG A 435 11.80 8.40 -10.86
N PHE A 436 13.06 8.07 -11.18
CA PHE A 436 14.20 8.72 -10.52
C PHE A 436 14.88 9.77 -11.40
N GLY A 437 14.52 9.86 -12.68
CA GLY A 437 15.25 10.68 -13.64
C GLY A 437 15.21 12.19 -13.36
N ILE A 438 16.18 12.92 -13.91
CA ILE A 438 16.13 14.35 -13.95
C ILE A 438 15.63 14.71 -15.35
N VAL A 439 15.43 13.68 -16.16
CA VAL A 439 14.77 13.76 -17.46
C VAL A 439 13.60 12.75 -17.48
N TYR A 440 12.41 13.24 -17.82
CA TYR A 440 11.19 12.43 -17.82
C TYR A 440 11.16 11.65 -19.08
N VAL A 441 10.75 10.39 -18.97
CA VAL A 441 10.55 9.58 -20.15
C VAL A 441 9.06 9.25 -20.28
N ASP A 442 8.53 9.58 -21.44
CA ASP A 442 7.19 9.17 -21.82
C ASP A 442 7.30 7.86 -22.52
N TYR A 443 6.91 6.80 -21.84
CA TYR A 443 7.11 5.46 -22.37
C TYR A 443 6.27 5.15 -23.60
N SER A 444 5.09 5.78 -23.75
CA SER A 444 4.29 5.54 -24.97
C SER A 444 4.91 6.08 -26.26
N THR A 445 5.71 7.14 -26.17
CA THR A 445 6.39 7.66 -27.35
C THR A 445 7.92 7.63 -27.29
N GLN A 446 8.48 7.47 -26.09
CA GLN A 446 9.93 7.55 -25.82
C GLN A 446 10.46 8.98 -25.81
N LYS A 447 9.58 9.94 -25.62
CA LYS A 447 10.00 11.33 -25.60
C LYS A 447 10.68 11.64 -24.26
N ARG A 448 11.74 12.43 -24.32
CA ARG A 448 12.47 12.88 -23.15
C ARG A 448 11.99 14.31 -22.84
N ILE A 449 11.72 14.60 -21.58
CA ILE A 449 11.37 15.94 -21.13
C ILE A 449 12.29 16.27 -19.96
N VAL A 450 13.23 17.21 -20.18
CA VAL A 450 14.08 17.63 -19.10
C VAL A 450 13.22 18.21 -17.97
N LYS A 451 13.40 17.69 -16.77
CA LYS A 451 12.65 18.17 -15.64
C LYS A 451 13.31 19.48 -15.09
N ASP A 452 12.57 20.19 -14.23
CA ASP A 452 13.11 21.39 -13.60
C ASP A 452 14.40 21.03 -12.85
N SER A 453 14.39 19.85 -12.23
CA SER A 453 15.57 19.34 -11.49
C SER A 453 16.80 19.18 -12.39
N GLY A 454 16.60 18.74 -13.62
CA GLY A 454 17.66 18.71 -14.63
C GLY A 454 18.22 20.08 -15.06
N TYR A 455 17.34 21.08 -15.22
CA TYR A 455 17.79 22.44 -15.49
C TYR A 455 18.54 22.99 -14.31
N TRP A 456 17.99 22.77 -13.13
CA TRP A 456 18.59 23.20 -11.90
C TRP A 456 20.00 22.61 -11.75
N TYR A 457 20.11 21.30 -11.92
CA TYR A 457 21.40 20.59 -11.85
C TYR A 457 22.36 21.08 -12.91
N SER A 458 21.86 21.31 -14.12
CA SER A 458 22.65 21.91 -15.16
C SER A 458 23.32 23.21 -14.72
N ASN A 459 22.61 23.98 -13.90
CA ASN A 459 23.12 25.26 -13.43
C ASN A 459 24.20 25.05 -12.39
N VAL A 460 23.91 24.23 -11.38
CA VAL A 460 24.91 23.75 -10.42
C VAL A 460 26.25 23.29 -11.08
N VAL A 461 26.18 22.49 -12.14
CA VAL A 461 27.41 22.02 -12.82
C VAL A 461 28.19 23.20 -13.46
N LYS A 462 27.51 24.05 -14.22
CA LYS A 462 28.14 25.25 -14.77
C LYS A 462 28.79 26.14 -13.71
N ASN A 463 28.09 26.40 -12.60
CA ASN A 463 28.62 27.18 -11.48
C ASN A 463 29.61 26.42 -10.60
N ASN A 464 29.79 25.12 -10.87
CA ASN A 464 30.55 24.23 -10.01
C ASN A 464 30.16 24.26 -8.52
N GLY A 465 28.86 24.37 -8.25
CA GLY A 465 28.34 24.25 -6.89
C GLY A 465 27.01 24.98 -6.67
N LEU A 466 26.66 25.21 -5.41
CA LEU A 466 25.36 25.79 -5.04
C LEU A 466 25.31 27.34 -4.97
N GLU A 467 24.07 27.83 -4.86
CA GLU A 467 23.65 29.23 -5.00
C GLU A 467 24.79 30.21 -5.22
N ASN B 24 5.52 2.19 3.03
CA ASN B 24 5.01 2.32 1.63
C ASN B 24 4.01 1.22 1.17
N VAL B 25 4.53 0.06 0.73
CA VAL B 25 3.67 -1.08 0.42
C VAL B 25 3.01 -1.63 1.71
N LYS B 26 1.68 -1.66 1.69
CA LYS B 26 0.91 -2.14 2.83
C LYS B 26 0.05 -3.31 2.36
N LYS B 27 0.58 -4.51 2.62
CA LYS B 27 -0.01 -5.77 2.16
C LYS B 27 -0.89 -6.29 3.28
N PHE B 28 -2.03 -6.85 2.90
CA PHE B 28 -3.00 -7.43 3.84
C PHE B 28 -2.84 -8.97 3.82
N PRO B 29 -3.29 -9.68 4.87
CA PRO B 29 -3.14 -11.14 4.95
C PRO B 29 -3.79 -11.89 3.80
N GLU B 30 -3.43 -13.18 3.66
CA GLU B 30 -3.78 -13.98 2.48
C GLU B 30 -5.30 -14.18 2.30
N GLY B 31 -5.99 -14.49 3.38
CA GLY B 31 -7.45 -14.61 3.26
C GLY B 31 -8.23 -13.36 2.82
N PHE B 32 -7.63 -12.17 3.00
CA PHE B 32 -8.41 -10.93 3.09
C PHE B 32 -9.54 -10.68 2.10
N LEU B 33 -10.75 -10.53 2.65
CA LEU B 33 -11.91 -10.26 1.84
C LEU B 33 -12.04 -8.79 1.46
N TRP B 34 -11.99 -8.51 0.15
CA TRP B 34 -12.18 -7.16 -0.33
C TRP B 34 -13.60 -7.03 -0.81
N GLY B 35 -14.40 -6.17 -0.20
CA GLY B 35 -15.81 -6.19 -0.57
C GLY B 35 -16.39 -4.87 -1.00
N VAL B 36 -17.61 -4.93 -1.54
CA VAL B 36 -18.49 -3.76 -1.68
C VAL B 36 -19.89 -4.08 -1.08
N ALA B 37 -20.62 -3.05 -0.67
CA ALA B 37 -21.89 -3.27 0.08
C ALA B 37 -23.01 -2.44 -0.50
N THR B 38 -24.22 -3.01 -0.48
CA THR B 38 -25.45 -2.26 -0.75
C THR B 38 -26.54 -2.64 0.25
N ALA B 39 -27.73 -2.06 0.05
CA ALA B 39 -28.92 -2.51 0.76
C ALA B 39 -30.10 -2.52 -0.23
N SER B 40 -30.98 -3.49 -0.05
CA SER B 40 -32.14 -3.76 -0.88
C SER B 40 -32.98 -2.54 -1.20
N TYR B 41 -33.43 -1.80 -0.16
CA TYR B 41 -34.35 -0.70 -0.46
C TYR B 41 -33.56 0.44 -1.09
N GLN B 42 -32.26 0.49 -0.84
CA GLN B 42 -31.48 1.59 -1.38
C GLN B 42 -31.21 1.49 -2.89
N ILE B 43 -31.25 0.27 -3.44
CA ILE B 43 -30.86 0.08 -4.83
C ILE B 43 -31.92 -0.51 -5.70
N GLU B 44 -32.79 -1.33 -5.13
CA GLU B 44 -33.65 -2.21 -5.94
C GLU B 44 -34.74 -1.57 -6.83
N GLY B 45 -35.45 -0.57 -6.29
CA GLY B 45 -36.72 -0.12 -6.82
C GLY B 45 -37.74 -1.23 -6.98
N SER B 46 -38.82 -0.97 -7.70
CA SER B 46 -39.92 -1.94 -7.76
C SER B 46 -40.31 -2.54 -6.40
N PRO B 47 -40.56 -1.72 -5.40
CA PRO B 47 -40.78 -2.27 -4.04
C PRO B 47 -42.03 -3.15 -4.00
N LEU B 48 -43.00 -2.86 -4.88
CA LEU B 48 -44.25 -3.61 -4.91
C LEU B 48 -44.37 -4.71 -5.98
N ALA B 49 -43.30 -4.94 -6.76
CA ALA B 49 -43.35 -5.94 -7.82
C ALA B 49 -43.55 -7.34 -7.30
N ASP B 50 -44.17 -8.18 -8.13
CA ASP B 50 -44.06 -9.65 -7.93
C ASP B 50 -44.54 -10.13 -6.56
N GLY B 51 -45.59 -9.47 -6.07
CA GLY B 51 -46.33 -9.95 -4.92
C GLY B 51 -45.74 -9.51 -3.59
N ALA B 52 -44.84 -8.55 -3.62
CA ALA B 52 -44.10 -8.13 -2.42
C ALA B 52 -44.98 -7.22 -1.55
N GLY B 53 -45.00 -7.39 -0.23
CA GLY B 53 -45.75 -6.50 0.66
C GLY B 53 -45.01 -5.18 0.77
N MET B 54 -45.71 -4.17 1.27
CA MET B 54 -45.06 -2.89 1.52
C MET B 54 -44.10 -3.05 2.67
N SER B 55 -43.06 -2.24 2.64
CA SER B 55 -42.20 -2.06 3.80
C SER B 55 -42.51 -0.72 4.50
N ILE B 56 -41.93 -0.51 5.70
CA ILE B 56 -42.08 0.79 6.40
C ILE B 56 -41.33 1.86 5.65
N TRP B 57 -40.32 1.48 4.88
CA TRP B 57 -39.61 2.54 4.12
C TRP B 57 -40.42 3.05 2.88
N HIS B 58 -41.21 2.19 2.28
CA HIS B 58 -42.18 2.64 1.23
C HIS B 58 -43.23 3.61 1.83
N THR B 59 -43.87 3.24 2.95
CA THR B 59 -44.86 4.16 3.54
C THR B 59 -44.24 5.44 4.08
N PHE B 60 -43.09 5.31 4.71
CA PHE B 60 -42.42 6.47 5.27
C PHE B 60 -41.95 7.41 4.16
N SER B 61 -41.34 6.89 3.09
CA SER B 61 -40.87 7.81 2.01
C SER B 61 -42.03 8.45 1.23
N HIS B 62 -43.17 7.78 1.18
CA HIS B 62 -44.36 8.29 0.53
C HIS B 62 -45.20 9.20 1.43
N THR B 63 -44.70 9.51 2.63
CA THR B 63 -45.32 10.47 3.53
C THR B 63 -44.60 11.76 3.25
N PRO B 64 -45.33 12.84 2.98
CA PRO B 64 -44.70 14.10 2.70
C PRO B 64 -43.94 14.64 3.92
N GLY B 65 -42.79 15.22 3.65
CA GLY B 65 -42.06 15.87 4.73
C GLY B 65 -40.97 15.00 5.30
N ASN B 66 -40.94 13.71 4.98
CA ASN B 66 -40.03 12.77 5.63
C ASN B 66 -38.68 12.68 4.94
N VAL B 67 -38.66 12.75 3.61
CA VAL B 67 -37.38 12.66 2.90
C VAL B 67 -37.08 13.79 1.92
N LYS B 68 -35.81 14.19 1.84
CA LYS B 68 -35.37 15.30 0.97
C LYS B 68 -35.96 15.15 -0.42
N ASN B 69 -36.47 16.27 -0.97
CA ASN B 69 -37.11 16.36 -2.32
C ASN B 69 -38.20 15.29 -2.60
N GLY B 70 -38.79 14.70 -1.56
CA GLY B 70 -39.84 13.71 -1.81
C GLY B 70 -39.32 12.44 -2.45
N ASP B 71 -38.02 12.17 -2.35
CA ASP B 71 -37.47 11.01 -3.04
C ASP B 71 -38.05 9.78 -2.40
N THR B 72 -38.16 8.68 -3.13
CA THR B 72 -38.61 7.43 -2.57
C THR B 72 -37.74 6.35 -3.20
N GLY B 73 -37.91 5.12 -2.73
CA GLY B 73 -37.21 4.00 -3.32
C GLY B 73 -37.99 3.33 -4.42
N ASP B 74 -38.98 4.04 -4.98
CA ASP B 74 -39.79 3.48 -6.10
C ASP B 74 -38.97 2.93 -7.24
N VAL B 75 -37.92 3.65 -7.57
CA VAL B 75 -37.10 3.27 -8.74
C VAL B 75 -35.69 3.04 -8.28
N ALA B 76 -35.15 4.00 -7.55
CA ALA B 76 -33.76 3.87 -7.07
C ALA B 76 -32.78 3.57 -8.22
N CYS B 77 -32.05 2.45 -8.11
CA CYS B 77 -31.00 2.15 -9.07
C CYS B 77 -31.54 1.13 -10.05
N ASP B 78 -32.82 0.81 -9.91
CA ASP B 78 -33.47 -0.24 -10.72
C ASP B 78 -32.67 -1.54 -10.78
N HIS B 79 -32.06 -1.90 -9.65
CA HIS B 79 -31.29 -3.15 -9.54
C HIS B 79 -32.18 -4.35 -9.55
N TYR B 80 -33.46 -4.18 -9.25
CA TYR B 80 -34.40 -5.30 -9.39
C TYR B 80 -34.41 -5.82 -10.84
N ASN B 81 -34.12 -4.91 -11.79
CA ASN B 81 -34.03 -5.34 -13.20
C ASN B 81 -32.56 -5.47 -13.70
N ARG B 82 -31.68 -4.61 -13.18
CA ARG B 82 -30.31 -4.43 -13.69
C ARG B 82 -29.29 -5.16 -12.85
N TRP B 83 -29.75 -6.16 -12.09
CA TRP B 83 -28.89 -6.93 -11.18
C TRP B 83 -27.65 -7.62 -11.81
N LYS B 84 -27.82 -8.25 -12.98
CA LYS B 84 -26.70 -8.91 -13.68
C LYS B 84 -25.55 -7.94 -14.06
N GLU B 85 -25.88 -6.80 -14.68
CA GLU B 85 -24.84 -5.83 -14.99
C GLU B 85 -24.07 -5.50 -13.71
N ASP B 86 -24.80 -5.21 -12.63
CA ASP B 86 -24.19 -4.76 -11.39
C ASP B 86 -23.23 -5.83 -10.89
N ILE B 87 -23.62 -7.08 -10.98
CA ILE B 87 -22.73 -8.15 -10.54
C ILE B 87 -21.51 -8.15 -11.48
N GLU B 88 -21.77 -8.17 -12.79
CA GLU B 88 -20.69 -8.04 -13.79
C GLU B 88 -19.74 -6.88 -13.47
N ILE B 89 -20.26 -5.75 -12.96
CA ILE B 89 -19.35 -4.67 -12.58
C ILE B 89 -18.44 -5.13 -11.46
N ILE B 90 -19.01 -5.86 -10.50
CA ILE B 90 -18.25 -6.33 -9.35
C ILE B 90 -17.11 -7.21 -9.88
N GLU B 91 -17.47 -8.17 -10.71
CA GLU B 91 -16.54 -9.14 -11.27
C GLU B 91 -15.43 -8.47 -12.12
N LYS B 92 -15.86 -7.64 -13.08
CA LYS B 92 -14.99 -6.75 -13.83
C LYS B 92 -13.97 -6.02 -12.96
N LEU B 93 -14.42 -5.53 -11.81
CA LEU B 93 -13.52 -4.84 -10.88
C LEU B 93 -12.69 -5.85 -10.08
N GLY B 94 -13.07 -7.12 -10.11
CA GLY B 94 -12.34 -8.13 -9.35
C GLY B 94 -12.54 -8.09 -7.83
N VAL B 95 -13.62 -7.46 -7.37
CA VAL B 95 -13.93 -7.41 -5.94
C VAL B 95 -14.39 -8.81 -5.54
N LYS B 96 -13.97 -9.30 -4.38
CA LYS B 96 -14.18 -10.73 -4.04
C LYS B 96 -15.41 -11.01 -3.17
N ALA B 97 -15.97 -9.96 -2.56
CA ALA B 97 -17.13 -10.08 -1.66
C ALA B 97 -18.16 -9.00 -1.97
N TYR B 98 -19.41 -9.44 -1.99
CA TYR B 98 -20.58 -8.58 -2.10
C TYR B 98 -21.48 -8.67 -0.82
N ARG B 99 -21.59 -7.57 -0.09
CA ARG B 99 -22.50 -7.49 1.03
C ARG B 99 -23.82 -6.94 0.52
N PHE B 100 -24.88 -7.74 0.53
CA PHE B 100 -26.20 -7.19 0.13
C PHE B 100 -27.31 -7.61 1.09
N SER B 101 -28.49 -6.97 1.00
CA SER B 101 -29.55 -7.35 1.93
C SER B 101 -30.74 -7.89 1.22
N ILE B 102 -31.51 -8.67 1.98
CA ILE B 102 -32.78 -9.20 1.49
C ILE B 102 -33.97 -8.42 2.08
N SER B 103 -34.91 -8.09 1.20
CA SER B 103 -36.10 -7.36 1.57
C SER B 103 -37.08 -8.34 2.20
N TRP B 104 -37.24 -8.28 3.52
CA TRP B 104 -38.21 -9.11 4.26
C TRP B 104 -39.60 -9.20 3.60
N PRO B 105 -40.23 -8.07 3.24
CA PRO B 105 -41.56 -8.15 2.65
C PRO B 105 -41.58 -8.61 1.14
N ARG B 106 -40.44 -8.81 0.49
CA ARG B 106 -40.46 -9.57 -0.79
C ARG B 106 -40.66 -11.03 -0.54
N ILE B 107 -40.25 -11.50 0.63
CA ILE B 107 -40.21 -12.93 0.95
C ILE B 107 -41.43 -13.39 1.74
N LEU B 108 -41.85 -12.54 2.67
CA LEU B 108 -43.03 -12.77 3.50
C LEU B 108 -43.75 -11.44 3.48
N PRO B 109 -44.64 -11.26 2.49
CA PRO B 109 -45.36 -10.01 2.29
C PRO B 109 -46.16 -9.51 3.49
N GLU B 110 -46.67 -10.42 4.32
CA GLU B 110 -47.33 -10.01 5.55
C GLU B 110 -46.43 -10.19 6.76
N GLY B 111 -45.14 -10.41 6.51
CA GLY B 111 -44.17 -10.53 7.59
C GLY B 111 -44.03 -11.92 8.14
N THR B 112 -45.14 -12.61 8.38
CA THR B 112 -45.12 -14.01 8.78
C THR B 112 -46.05 -14.77 7.85
N GLY B 113 -45.97 -16.09 7.89
CA GLY B 113 -46.95 -16.96 7.22
C GLY B 113 -46.51 -17.23 5.78
N ARG B 114 -47.23 -16.67 4.83
CA ARG B 114 -47.09 -17.03 3.40
C ARG B 114 -45.78 -16.58 2.76
N VAL B 115 -45.00 -17.52 2.19
CA VAL B 115 -43.75 -17.23 1.48
C VAL B 115 -43.99 -16.87 0.01
N ASN B 116 -43.35 -15.81 -0.47
CA ASN B 116 -43.53 -15.38 -1.85
C ASN B 116 -42.37 -15.96 -2.73
N GLN B 117 -42.67 -17.03 -3.48
CA GLN B 117 -41.68 -17.76 -4.32
C GLN B 117 -40.92 -16.80 -5.26
N LYS B 118 -41.62 -15.85 -5.82
CA LYS B 118 -41.00 -14.91 -6.74
C LYS B 118 -39.91 -14.11 -6.02
N GLY B 119 -40.10 -13.85 -4.73
CA GLY B 119 -39.09 -13.18 -3.93
C GLY B 119 -37.88 -14.04 -3.72
N LEU B 120 -38.07 -15.29 -3.39
CA LEU B 120 -36.92 -16.23 -3.32
C LEU B 120 -36.16 -16.41 -4.67
N ASP B 121 -36.91 -16.45 -5.77
CA ASP B 121 -36.34 -16.50 -7.13
C ASP B 121 -35.33 -15.37 -7.26
N PHE B 122 -35.75 -14.17 -6.89
CA PHE B 122 -34.97 -13.00 -7.24
C PHE B 122 -33.64 -13.07 -6.57
N TYR B 123 -33.64 -13.48 -5.30
CA TYR B 123 -32.38 -13.58 -4.57
C TYR B 123 -31.58 -14.84 -4.95
N ASN B 124 -32.27 -15.93 -5.27
CA ASN B 124 -31.56 -17.13 -5.73
C ASN B 124 -30.76 -16.86 -7.01
N ARG B 125 -31.32 -16.16 -7.99
CA ARG B 125 -30.50 -15.74 -9.14
C ARG B 125 -29.28 -14.88 -8.77
N ILE B 126 -29.34 -14.05 -7.74
CA ILE B 126 -28.20 -13.17 -7.46
C ILE B 126 -27.13 -14.00 -6.81
N ILE B 127 -27.59 -14.88 -5.91
CA ILE B 127 -26.66 -15.72 -5.19
C ILE B 127 -25.92 -16.60 -6.22
N ASP B 128 -26.68 -17.31 -7.05
CA ASP B 128 -26.07 -18.20 -8.06
C ASP B 128 -25.06 -17.42 -8.90
N THR B 129 -25.48 -16.33 -9.53
CA THR B 129 -24.57 -15.50 -10.30
C THR B 129 -23.27 -15.12 -9.58
N LEU B 130 -23.33 -14.75 -8.31
CA LEU B 130 -22.11 -14.35 -7.60
C LEU B 130 -21.18 -15.56 -7.38
N LEU B 131 -21.78 -16.71 -7.06
CA LEU B 131 -21.03 -17.93 -6.84
C LEU B 131 -20.30 -18.32 -8.14
N GLU B 132 -21.07 -18.37 -9.24
CA GLU B 132 -20.57 -18.77 -10.56
C GLU B 132 -19.42 -17.86 -10.96
N LYS B 133 -19.38 -16.64 -10.43
CA LYS B 133 -18.28 -15.72 -10.74
C LYS B 133 -17.23 -15.61 -9.67
N GLY B 134 -17.26 -16.51 -8.69
CA GLY B 134 -16.32 -16.48 -7.57
C GLY B 134 -16.39 -15.22 -6.70
N ILE B 135 -17.59 -14.61 -6.53
CA ILE B 135 -17.79 -13.53 -5.53
C ILE B 135 -18.48 -14.12 -4.28
N THR B 136 -17.94 -13.82 -3.10
CA THR B 136 -18.54 -14.32 -1.84
C THR B 136 -19.73 -13.46 -1.34
N PRO B 137 -20.93 -14.04 -1.26
CA PRO B 137 -22.13 -13.33 -0.75
C PRO B 137 -22.11 -13.15 0.78
N PHE B 138 -22.19 -11.91 1.25
CA PHE B 138 -22.39 -11.68 2.70
C PHE B 138 -23.80 -11.11 2.80
N VAL B 139 -24.76 -11.86 3.34
CA VAL B 139 -26.14 -11.38 3.35
C VAL B 139 -26.57 -10.78 4.66
N THR B 140 -27.07 -9.55 4.56
CA THR B 140 -27.73 -8.91 5.67
C THR B 140 -29.19 -9.36 5.69
N ILE B 141 -29.60 -9.97 6.76
CA ILE B 141 -31.02 -10.40 6.88
C ILE B 141 -31.96 -9.17 7.02
N TYR B 142 -31.57 -8.22 7.87
CA TYR B 142 -32.43 -7.04 8.08
C TYR B 142 -31.65 -5.79 7.89
N HIS B 143 -32.03 -5.02 6.86
CA HIS B 143 -31.39 -3.71 6.63
C HIS B 143 -32.51 -2.68 6.46
N TRP B 144 -33.49 -2.72 7.40
CA TRP B 144 -34.36 -1.62 7.72
C TRP B 144 -35.69 -1.67 6.99
N ASP B 145 -35.88 -2.59 6.04
CA ASP B 145 -37.20 -2.63 5.34
C ASP B 145 -38.18 -3.57 6.00
N LEU B 146 -38.60 -3.22 7.20
CA LEU B 146 -39.56 -4.05 7.92
C LEU B 146 -40.85 -4.08 7.14
N PRO B 147 -41.50 -5.23 7.09
CA PRO B 147 -42.83 -5.32 6.47
C PRO B 147 -43.81 -4.41 7.20
N PHE B 148 -44.50 -3.58 6.44
CA PHE B 148 -45.50 -2.68 6.94
C PHE B 148 -46.54 -3.44 7.76
N ALA B 149 -46.87 -4.66 7.37
CA ALA B 149 -47.82 -5.45 8.19
C ALA B 149 -47.36 -5.63 9.61
N LEU B 150 -46.06 -5.66 9.83
CA LEU B 150 -45.54 -5.96 11.19
C LEU B 150 -45.45 -4.65 12.00
N GLN B 151 -45.20 -3.55 11.29
CA GLN B 151 -45.37 -2.22 11.88
C GLN B 151 -46.75 -1.96 12.45
N LEU B 152 -47.80 -2.41 11.75
CA LEU B 152 -49.15 -2.28 12.25
C LEU B 152 -49.32 -3.03 13.57
N LYS B 153 -48.52 -4.05 13.82
CA LYS B 153 -48.46 -4.71 15.12
C LYS B 153 -47.35 -4.17 16.09
N GLY B 154 -46.80 -3.00 15.78
CA GLY B 154 -45.82 -2.39 16.68
C GLY B 154 -44.36 -2.56 16.27
N GLY B 155 -44.08 -3.46 15.32
CA GLY B 155 -42.73 -3.60 14.81
C GLY B 155 -41.76 -3.93 15.92
N TRP B 156 -40.69 -3.14 16.00
CA TRP B 156 -39.62 -3.43 16.93
C TRP B 156 -39.99 -3.19 18.39
N ALA B 157 -41.11 -2.52 18.62
CA ALA B 157 -41.64 -2.21 19.97
C ALA B 157 -42.29 -3.46 20.58
N ASN B 158 -42.70 -4.39 19.72
CA ASN B 158 -43.45 -5.59 20.16
C ASN B 158 -42.53 -6.74 20.42
N ARG B 159 -42.63 -7.32 21.61
CA ARG B 159 -41.74 -8.44 22.03
C ARG B 159 -41.86 -9.62 21.08
N GLU B 160 -43.03 -9.74 20.47
CA GLU B 160 -43.30 -10.79 19.53
C GLU B 160 -42.42 -10.77 18.28
N ILE B 161 -41.78 -9.64 17.99
CA ILE B 161 -40.93 -9.53 16.78
C ILE B 161 -39.76 -10.53 16.88
N ALA B 162 -39.42 -10.94 18.09
CA ALA B 162 -38.39 -11.96 18.24
C ALA B 162 -38.80 -13.29 17.56
N ASP B 163 -40.09 -13.68 17.64
CA ASP B 163 -40.59 -14.84 16.87
C ASP B 163 -40.73 -14.56 15.41
N TRP B 164 -41.23 -13.39 15.05
CA TRP B 164 -41.40 -13.03 13.67
C TRP B 164 -40.04 -13.09 12.95
N PHE B 165 -38.98 -12.63 13.63
CA PHE B 165 -37.68 -12.47 13.02
C PHE B 165 -37.03 -13.83 12.87
N ALA B 166 -37.20 -14.67 13.90
CA ALA B 166 -36.75 -16.06 13.86
C ALA B 166 -37.38 -16.82 12.67
N GLU B 167 -38.68 -16.63 12.46
CA GLU B 167 -39.40 -17.37 11.43
C GLU B 167 -38.91 -16.90 10.07
N TYR B 168 -38.76 -15.59 9.92
CA TYR B 168 -38.19 -15.03 8.72
C TYR B 168 -36.77 -15.58 8.45
N SER B 169 -35.88 -15.45 9.43
CA SER B 169 -34.52 -16.03 9.39
C SER B 169 -34.40 -17.49 8.93
N ARG B 170 -35.24 -18.33 9.53
CA ARG B 170 -35.32 -19.72 9.17
C ARG B 170 -35.61 -19.87 7.68
N VAL B 171 -36.55 -19.10 7.15
CA VAL B 171 -36.90 -19.26 5.78
C VAL B 171 -35.67 -18.92 4.89
N LEU B 172 -34.97 -17.81 5.19
CA LEU B 172 -33.73 -17.49 4.48
C LEU B 172 -32.68 -18.62 4.60
N PHE B 173 -32.55 -19.18 5.79
CA PHE B 173 -31.51 -20.15 6.04
C PHE B 173 -31.82 -21.41 5.25
N GLU B 174 -33.09 -21.81 5.24
CA GLU B 174 -33.48 -23.08 4.67
C GLU B 174 -33.39 -23.00 3.16
N ASN B 175 -33.64 -21.82 2.61
CA ASN B 175 -33.67 -21.59 1.18
C ASN B 175 -32.33 -21.16 0.58
N PHE B 176 -31.47 -20.51 1.36
CA PHE B 176 -30.26 -19.96 0.81
C PHE B 176 -29.00 -20.49 1.49
N GLY B 177 -29.15 -21.16 2.63
CA GLY B 177 -28.04 -21.53 3.48
C GLY B 177 -27.14 -22.62 2.93
N ASP B 178 -27.63 -23.35 1.91
CA ASP B 178 -26.81 -24.30 1.16
C ASP B 178 -25.68 -23.57 0.38
N ARG B 179 -25.98 -22.40 -0.19
CA ARG B 179 -24.94 -21.62 -0.87
C ARG B 179 -24.38 -20.39 -0.14
N VAL B 180 -25.18 -19.70 0.69
CA VAL B 180 -24.62 -18.55 1.37
C VAL B 180 -24.15 -18.98 2.76
N LYS B 181 -22.92 -18.61 3.15
CA LYS B 181 -22.33 -19.08 4.41
C LYS B 181 -21.93 -17.92 5.29
N ASN B 182 -22.11 -16.71 4.79
CA ASN B 182 -21.75 -15.54 5.59
C ASN B 182 -22.97 -14.64 5.75
N TRP B 183 -23.43 -14.50 6.99
CA TRP B 183 -24.72 -13.92 7.30
C TRP B 183 -24.59 -12.83 8.34
N ILE B 184 -25.47 -11.85 8.24
CA ILE B 184 -25.54 -10.75 9.20
C ILE B 184 -26.99 -10.58 9.61
N THR B 185 -27.22 -10.54 10.93
CA THR B 185 -28.62 -10.50 11.40
C THR B 185 -29.18 -9.15 11.18
N LEU B 186 -28.60 -8.17 11.85
CA LEU B 186 -29.12 -6.81 11.80
C LEU B 186 -28.06 -5.87 11.31
N ASN B 187 -28.49 -4.92 10.48
CA ASN B 187 -27.62 -3.80 10.17
C ASN B 187 -27.88 -2.60 11.11
N GLU B 188 -26.85 -2.19 11.85
CA GLU B 188 -26.91 -1.01 12.69
C GLU B 188 -28.17 -0.87 13.59
N PRO B 189 -28.38 -1.80 14.52
CA PRO B 189 -29.56 -1.77 15.39
C PRO B 189 -29.67 -0.48 16.16
N TRP B 190 -28.57 0.22 16.41
CA TRP B 190 -28.64 1.52 17.05
C TRP B 190 -29.49 2.50 16.22
N VAL B 191 -29.22 2.47 14.90
CA VAL B 191 -29.88 3.36 13.98
C VAL B 191 -31.38 2.98 13.96
N VAL B 192 -31.67 1.68 13.82
CA VAL B 192 -33.07 1.20 13.79
C VAL B 192 -33.83 1.78 14.98
N ALA B 193 -33.28 1.56 16.17
CA ALA B 193 -33.94 1.88 17.38
C ALA B 193 -34.03 3.37 17.58
N ILE B 194 -32.87 4.05 17.60
CA ILE B 194 -32.84 5.43 18.07
C ILE B 194 -33.24 6.45 16.93
N VAL B 195 -32.75 6.24 15.72
CA VAL B 195 -33.06 7.17 14.64
C VAL B 195 -34.50 6.87 14.16
N GLY B 196 -34.90 5.61 14.15
CA GLY B 196 -36.26 5.22 13.81
C GLY B 196 -37.34 5.55 14.85
N HIS B 197 -36.97 5.52 16.14
CA HIS B 197 -38.01 5.57 17.21
C HIS B 197 -37.79 6.64 18.28
N LEU B 198 -36.62 7.27 18.32
CA LEU B 198 -36.40 8.42 19.20
C LEU B 198 -36.32 9.72 18.38
N TYR B 199 -35.51 9.75 17.32
CA TYR B 199 -35.39 10.98 16.50
C TYR B 199 -36.49 11.11 15.47
N GLY B 200 -37.08 10.00 15.09
CA GLY B 200 -38.19 10.05 14.14
C GLY B 200 -37.71 10.42 12.74
N VAL B 201 -36.39 10.29 12.48
CA VAL B 201 -35.81 10.75 11.21
C VAL B 201 -35.84 9.62 10.18
N HIS B 202 -35.91 8.37 10.64
CA HIS B 202 -36.05 7.23 9.74
C HIS B 202 -37.34 6.49 10.04
N ALA B 203 -37.79 5.66 9.12
CA ALA B 203 -38.95 4.82 9.40
C ALA B 203 -38.74 3.97 10.72
N PRO B 204 -39.81 3.78 11.53
CA PRO B 204 -41.15 4.28 11.27
C PRO B 204 -41.42 5.71 11.66
N GLY B 205 -40.46 6.48 12.11
CA GLY B 205 -40.71 7.91 12.25
C GLY B 205 -41.35 8.31 13.57
N MET B 206 -41.01 7.60 14.63
CA MET B 206 -41.57 7.80 15.96
C MET B 206 -40.56 8.56 16.85
N ARG B 207 -41.08 9.22 17.88
CA ARG B 207 -40.28 9.97 18.79
C ARG B 207 -40.76 9.62 20.16
N ASP B 208 -40.29 8.49 20.70
CA ASP B 208 -40.73 8.04 22.01
C ASP B 208 -39.55 7.27 22.63
N ILE B 209 -39.01 7.77 23.74
CA ILE B 209 -37.74 7.22 24.23
C ILE B 209 -37.95 5.85 24.86
N TYR B 210 -39.14 5.64 25.42
CA TYR B 210 -39.50 4.35 25.95
C TYR B 210 -39.68 3.29 24.86
N VAL B 211 -40.25 3.67 23.73
CA VAL B 211 -40.34 2.72 22.61
C VAL B 211 -38.90 2.45 22.06
N ALA B 212 -38.07 3.50 21.98
CA ALA B 212 -36.70 3.41 21.41
C ALA B 212 -35.88 2.35 22.16
N PHE B 213 -35.92 2.37 23.50
CA PHE B 213 -35.18 1.36 24.29
C PHE B 213 -35.79 -0.04 24.30
N ARG B 214 -37.09 -0.11 24.16
CA ARG B 214 -37.69 -1.42 23.97
C ARG B 214 -37.30 -2.01 22.61
N ALA B 215 -37.21 -1.14 21.58
CA ALA B 215 -36.65 -1.54 20.27
C ALA B 215 -35.17 -2.02 20.39
N VAL B 216 -34.33 -1.27 21.12
CA VAL B 216 -32.95 -1.75 21.39
C VAL B 216 -33.00 -3.20 21.91
N HIS B 217 -33.85 -3.43 22.88
CA HIS B 217 -33.85 -4.70 23.59
C HIS B 217 -34.43 -5.84 22.73
N ASN B 218 -35.56 -5.56 22.12
CA ASN B 218 -36.14 -6.49 21.16
C ASN B 218 -35.24 -6.82 19.93
N LEU B 219 -34.44 -5.86 19.48
CA LEU B 219 -33.45 -6.14 18.41
C LEU B 219 -32.47 -7.19 18.88
N LEU B 220 -31.96 -7.04 20.11
CA LEU B 220 -30.98 -8.01 20.66
C LEU B 220 -31.63 -9.38 20.80
N ARG B 221 -32.88 -9.41 21.23
CA ARG B 221 -33.63 -10.65 21.44
C ARG B 221 -33.86 -11.32 20.09
N ALA B 222 -34.29 -10.53 19.09
CA ALA B 222 -34.53 -11.13 17.78
C ALA B 222 -33.21 -11.63 17.14
N HIS B 223 -32.14 -10.86 17.32
CA HIS B 223 -30.83 -11.24 16.83
C HIS B 223 -30.47 -12.62 17.42
N ALA B 224 -30.65 -12.76 18.73
CA ALA B 224 -30.24 -13.95 19.41
C ALA B 224 -31.05 -15.15 18.96
N ARG B 225 -32.35 -14.94 18.70
CA ARG B 225 -33.19 -16.01 18.20
C ARG B 225 -32.79 -16.42 16.79
N ALA B 226 -32.45 -15.46 15.92
CA ALA B 226 -31.98 -15.81 14.57
C ALA B 226 -30.69 -16.68 14.64
N VAL B 227 -29.74 -16.30 15.50
CA VAL B 227 -28.47 -17.04 15.65
C VAL B 227 -28.75 -18.48 16.08
N LYS B 228 -29.57 -18.66 17.11
CA LYS B 228 -30.03 -19.99 17.54
C LYS B 228 -30.63 -20.81 16.41
N VAL B 229 -31.43 -20.20 15.55
CA VAL B 229 -32.04 -20.95 14.43
C VAL B 229 -30.94 -21.30 13.42
N PHE B 230 -30.00 -20.37 13.19
CA PHE B 230 -28.87 -20.58 12.28
C PHE B 230 -28.04 -21.83 12.69
N ARG B 231 -27.74 -21.99 13.98
CA ARG B 231 -26.96 -23.14 14.42
C ARG B 231 -27.68 -24.43 14.07
N GLU B 232 -29.00 -24.36 13.92
CA GLU B 232 -29.80 -25.55 13.63
C GLU B 232 -29.94 -25.83 12.11
N THR B 233 -29.62 -24.86 11.28
CA THR B 233 -29.99 -24.99 9.88
C THR B 233 -28.82 -24.84 8.89
N VAL B 234 -27.74 -24.19 9.30
CA VAL B 234 -26.61 -23.98 8.39
C VAL B 234 -25.38 -24.56 9.08
N ASP B 236 -22.27 -25.49 8.41
CA ASP B 236 -20.94 -24.91 8.20
C ASP B 236 -20.94 -23.40 7.94
N GLY B 237 -21.89 -22.66 8.55
CA GLY B 237 -22.00 -21.23 8.29
C GLY B 237 -21.41 -20.33 9.37
N LYS B 238 -21.26 -19.06 9.03
CA LYS B 238 -20.81 -18.02 9.96
C LYS B 238 -21.84 -16.87 10.00
N ILE B 239 -22.14 -16.41 11.20
CA ILE B 239 -23.16 -15.37 11.42
C ILE B 239 -22.62 -14.32 12.39
N GLY B 240 -22.91 -13.07 12.08
CA GLY B 240 -22.50 -11.95 12.90
C GLY B 240 -23.56 -10.83 12.87
N ILE B 241 -23.13 -9.61 13.22
CA ILE B 241 -24.03 -8.50 13.42
C ILE B 241 -23.21 -7.24 13.26
N VAL B 242 -23.85 -6.18 12.70
CA VAL B 242 -23.17 -4.99 12.24
C VAL B 242 -23.58 -3.73 13.00
N PHE B 243 -22.60 -2.95 13.43
CA PHE B 243 -22.83 -1.77 14.25
C PHE B 243 -22.18 -0.54 13.63
N ASN B 244 -22.85 0.61 13.77
CA ASN B 244 -22.28 1.90 13.47
C ASN B 244 -21.35 2.35 14.59
N ASN B 245 -20.34 3.13 14.22
CA ASN B 245 -19.39 3.66 15.20
C ASN B 245 -18.87 5.02 14.76
N GLY B 246 -18.70 5.93 15.70
CA GLY B 246 -18.01 7.17 15.46
C GLY B 246 -16.80 7.21 16.39
N TYR B 247 -15.81 8.03 16.05
CA TYR B 247 -14.66 8.21 16.93
C TYR B 247 -14.89 9.48 17.68
N PHE B 248 -15.20 9.36 18.96
CA PHE B 248 -15.45 10.54 19.81
C PHE B 248 -14.22 10.97 20.62
N GLU B 249 -13.95 12.27 20.64
CA GLU B 249 -12.79 12.85 21.33
C GLU B 249 -13.30 13.98 22.19
N PRO B 250 -12.69 14.21 23.35
CA PRO B 250 -13.18 15.25 24.27
C PRO B 250 -12.87 16.65 23.72
N ALA B 251 -13.68 17.65 24.06
CA ALA B 251 -13.43 19.02 23.62
C ALA B 251 -12.31 19.63 24.47
N SER B 252 -12.35 19.35 25.78
CA SER B 252 -11.32 19.82 26.70
C SER B 252 -10.59 18.62 27.31
N GLU B 253 -9.85 18.83 28.39
CA GLU B 253 -9.29 17.74 29.20
C GLU B 253 -9.96 17.73 30.55
N LYS B 254 -11.05 18.48 30.69
CA LYS B 254 -11.87 18.40 31.90
C LYS B 254 -12.43 16.98 32.09
N GLU B 255 -12.62 16.59 33.36
CA GLU B 255 -13.16 15.30 33.74
C GLU B 255 -14.44 15.00 32.95
N GLU B 256 -15.46 15.82 33.22
CA GLU B 256 -16.78 15.78 32.59
C GLU B 256 -16.77 15.54 31.08
N ASP B 257 -15.84 16.19 30.37
CA ASP B 257 -15.72 16.00 28.93
C ASP B 257 -15.27 14.60 28.55
N ILE B 258 -14.26 14.06 29.26
CA ILE B 258 -13.73 12.75 28.96
C ILE B 258 -14.82 11.71 29.26
N ARG B 259 -15.60 11.97 30.30
CA ARG B 259 -16.76 11.16 30.63
C ARG B 259 -17.88 11.26 29.58
N ALA B 260 -18.03 12.42 28.93
CA ALA B 260 -19.04 12.62 27.92
C ALA B 260 -18.70 11.71 26.76
N VAL B 261 -17.40 11.67 26.46
CA VAL B 261 -16.88 10.76 25.45
C VAL B 261 -17.20 9.30 25.79
N ARG B 262 -17.00 8.92 27.06
CA ARG B 262 -17.23 7.53 27.46
C ARG B 262 -18.72 7.20 27.27
N PHE B 263 -19.60 8.17 27.60
CA PHE B 263 -21.01 7.99 27.39
C PHE B 263 -21.33 7.73 25.90
N MET B 264 -20.75 8.52 25.00
CA MET B 264 -21.04 8.40 23.59
C MET B 264 -20.59 7.10 22.99
N HIS B 265 -19.45 6.61 23.45
CA HIS B 265 -18.92 5.34 22.97
C HIS B 265 -19.85 4.21 23.43
N GLN B 266 -20.17 4.22 24.72
CA GLN B 266 -21.05 3.19 25.24
C GLN B 266 -22.48 3.20 24.55
N PHE B 267 -23.04 4.38 24.27
CA PHE B 267 -24.41 4.48 23.69
C PHE B 267 -24.47 4.38 22.16
N ASN B 268 -23.64 5.11 21.45
CA ASN B 268 -23.63 5.10 19.99
C ASN B 268 -22.88 3.99 19.34
N ASN B 269 -21.84 3.48 20.01
CA ASN B 269 -20.98 2.48 19.34
C ASN B 269 -21.37 1.04 19.71
N TYR B 270 -20.64 0.05 19.20
CA TYR B 270 -20.82 -1.34 19.55
C TYR B 270 -21.09 -1.74 21.04
N PRO B 271 -20.60 -1.07 22.09
CA PRO B 271 -20.85 -1.65 23.42
C PRO B 271 -22.35 -1.73 23.79
N LEU B 272 -23.20 -0.82 23.30
CA LEU B 272 -24.64 -0.91 23.58
C LEU B 272 -25.15 -2.32 23.30
N PHE B 273 -24.60 -2.96 22.28
CA PHE B 273 -25.07 -4.29 21.89
C PHE B 273 -24.13 -5.42 22.31
N LEU B 274 -22.82 -5.14 22.34
CA LEU B 274 -21.79 -6.15 22.65
C LEU B 274 -21.61 -6.37 24.14
N ASN B 275 -21.87 -5.35 24.93
CA ASN B 275 -21.91 -5.62 26.36
C ASN B 275 -22.98 -6.66 26.70
N PRO B 276 -24.24 -6.48 26.25
CA PRO B 276 -25.21 -7.57 26.36
C PRO B 276 -24.74 -8.91 25.80
N ILE B 277 -24.33 -8.93 24.54
CA ILE B 277 -23.96 -10.22 23.91
C ILE B 277 -22.77 -10.94 24.63
N TYR B 278 -21.74 -10.19 25.03
CA TYR B 278 -20.56 -10.78 25.69
C TYR B 278 -20.63 -10.84 27.22
N ARG B 279 -21.21 -9.83 27.85
CA ARG B 279 -21.21 -9.68 29.30
C ARG B 279 -22.58 -9.86 30.00
N GLY B 280 -23.67 -9.89 29.24
CA GLY B 280 -25.00 -10.11 29.77
C GLY B 280 -25.61 -8.91 30.48
N ASP B 281 -25.20 -7.69 30.14
CA ASP B 281 -25.93 -6.49 30.55
C ASP B 281 -25.62 -5.31 29.63
N TYR B 282 -26.41 -4.23 29.69
CA TYR B 282 -26.08 -3.02 28.97
C TYR B 282 -24.89 -2.38 29.67
N PRO B 283 -24.17 -1.52 28.96
CA PRO B 283 -22.99 -0.86 29.54
C PRO B 283 -23.42 0.08 30.63
N GLU B 284 -22.51 0.27 31.59
CA GLU B 284 -22.83 0.96 32.81
C GLU B 284 -23.33 2.39 32.65
N LEU B 285 -22.81 3.19 31.73
CA LEU B 285 -23.28 4.58 31.65
C LEU B 285 -24.60 4.65 30.90
N VAL B 286 -24.84 3.66 30.03
CA VAL B 286 -26.14 3.55 29.39
C VAL B 286 -27.19 3.25 30.47
N LEU B 287 -26.88 2.33 31.36
CA LEU B 287 -27.78 1.99 32.45
C LEU B 287 -28.10 3.18 33.37
N GLU B 288 -27.10 4.02 33.67
CA GLU B 288 -27.35 5.23 34.43
C GLU B 288 -28.32 6.18 33.71
N PHE B 289 -28.12 6.40 32.42
CA PHE B 289 -29.00 7.24 31.57
C PHE B 289 -30.40 6.67 31.34
N ALA B 290 -30.51 5.35 31.20
CA ALA B 290 -31.62 4.76 30.44
C ALA B 290 -32.35 3.61 31.08
N ARG B 291 -32.00 3.29 32.33
CA ARG B 291 -32.65 2.19 33.04
C ARG B 291 -34.17 2.40 33.13
N GLU B 292 -34.60 3.64 33.29
CA GLU B 292 -36.02 3.96 33.37
C GLU B 292 -36.83 3.64 32.07
N TYR B 293 -36.15 3.62 30.92
CA TYR B 293 -36.75 3.37 29.60
C TYR B 293 -36.73 1.90 29.13
N LEU B 294 -35.89 1.08 29.76
CA LEU B 294 -35.84 -0.35 29.45
C LEU B 294 -37.00 -1.09 30.08
N PRO B 295 -37.43 -2.19 29.49
CA PRO B 295 -38.50 -2.98 30.08
C PRO B 295 -38.13 -3.49 31.48
N GLU B 296 -39.11 -3.56 32.38
CA GLU B 296 -38.78 -3.93 33.79
C GLU B 296 -38.42 -5.38 33.63
N ASN B 297 -37.48 -5.96 34.32
CA ASN B 297 -37.16 -7.36 34.03
C ASN B 297 -36.44 -7.61 32.69
N TYR B 298 -35.87 -6.59 32.04
CA TYR B 298 -35.12 -6.84 30.79
C TYR B 298 -33.99 -7.88 31.01
N LYS B 299 -33.43 -7.90 32.23
CA LYS B 299 -32.34 -8.78 32.54
C LYS B 299 -32.66 -10.28 32.48
N ASP B 300 -33.93 -10.67 32.60
CA ASP B 300 -34.34 -12.07 32.35
C ASP B 300 -34.02 -12.49 30.91
N ASP B 301 -33.86 -11.52 29.99
CA ASP B 301 -33.60 -11.93 28.58
C ASP B 301 -32.11 -12.11 28.27
N MET B 302 -31.29 -11.64 29.17
CA MET B 302 -29.86 -11.55 28.88
C MET B 302 -29.14 -12.88 28.64
N SER B 303 -29.52 -13.95 29.34
CA SER B 303 -28.82 -15.23 29.09
C SER B 303 -29.13 -15.79 27.71
N GLU B 304 -30.31 -15.52 27.19
CA GLU B 304 -30.59 -15.90 25.82
C GLU B 304 -29.90 -14.96 24.79
N ILE B 305 -29.76 -13.67 25.11
CA ILE B 305 -29.09 -12.72 24.24
C ILE B 305 -27.57 -13.03 24.06
N GLN B 306 -26.96 -13.77 24.99
CA GLN B 306 -25.54 -14.14 24.92
C GLN B 306 -25.15 -15.27 23.99
N GLU B 307 -26.12 -15.80 23.25
CA GLU B 307 -25.89 -16.66 22.12
C GLU B 307 -24.58 -16.28 21.32
N LYS B 308 -23.74 -17.28 21.09
CA LYS B 308 -22.38 -17.06 20.61
C LYS B 308 -22.40 -16.70 19.14
N ILE B 309 -21.71 -15.63 18.76
CA ILE B 309 -21.62 -15.19 17.35
C ILE B 309 -20.20 -15.46 16.81
N ASP B 310 -20.05 -15.44 15.49
CA ASP B 310 -18.78 -15.77 14.81
C ASP B 310 -17.99 -14.54 14.44
N PHE B 311 -18.65 -13.41 14.14
CA PHE B 311 -17.94 -12.16 13.87
C PHE B 311 -18.71 -10.90 14.29
N VAL B 312 -17.99 -9.79 14.37
CA VAL B 312 -18.60 -8.51 14.57
C VAL B 312 -18.27 -7.67 13.36
N GLY B 313 -19.30 -7.04 12.77
CA GLY B 313 -19.14 -6.10 11.70
C GLY B 313 -19.02 -4.72 12.29
N LEU B 314 -17.97 -3.97 11.95
CA LEU B 314 -17.92 -2.56 12.35
C LEU B 314 -17.98 -1.65 11.14
N ASN B 315 -18.80 -0.62 11.25
CA ASN B 315 -18.95 0.43 10.24
C ASN B 315 -18.29 1.66 10.81
N TYR B 316 -17.66 2.48 9.96
CA TYR B 316 -16.99 3.71 10.40
C TYR B 316 -16.96 4.79 9.30
N TYR B 317 -17.24 6.03 9.69
CA TYR B 317 -17.17 7.13 8.74
C TYR B 317 -16.48 8.36 9.33
N SER B 318 -16.66 8.65 10.62
CA SER B 318 -16.35 10.02 11.06
C SER B 318 -16.05 10.23 12.52
N GLY B 319 -15.45 11.38 12.86
CA GLY B 319 -15.11 11.68 14.23
C GLY B 319 -15.90 12.84 14.79
N HIS B 320 -16.01 12.94 16.10
CA HIS B 320 -16.84 13.99 16.66
C HIS B 320 -16.20 14.57 17.91
N LEU B 321 -16.13 15.89 17.95
CA LEU B 321 -15.67 16.56 19.13
C LEU B 321 -16.87 16.71 20.03
N VAL B 322 -16.74 16.32 21.30
CA VAL B 322 -17.85 16.37 22.23
C VAL B 322 -17.48 16.97 23.56
N LYS B 323 -18.47 17.57 24.21
CA LYS B 323 -18.32 18.19 25.51
C LYS B 323 -19.56 17.87 26.33
N PHE B 324 -19.37 17.81 27.65
CA PHE B 324 -20.44 17.83 28.62
C PHE B 324 -21.23 19.11 28.40
N ASP B 325 -22.55 19.00 28.40
CA ASP B 325 -23.41 20.18 28.26
C ASP B 325 -24.65 19.91 29.09
N PRO B 326 -24.81 20.65 30.18
CA PRO B 326 -25.94 20.41 31.09
C PRO B 326 -27.32 20.88 30.59
N ASP B 327 -27.36 21.59 29.48
CA ASP B 327 -28.66 22.00 28.93
C ASP B 327 -29.17 20.91 28.00
N ALA B 328 -28.27 19.97 27.70
CA ALA B 328 -28.55 18.94 26.72
C ALA B 328 -29.12 17.65 27.35
N PRO B 329 -30.08 17.08 26.64
CA PRO B 329 -30.54 15.71 26.89
C PRO B 329 -29.38 14.74 26.64
N ALA B 330 -29.17 13.81 27.57
CA ALA B 330 -27.99 12.95 27.50
C ALA B 330 -26.76 13.70 28.09
N LYS B 331 -26.91 15.01 28.28
CA LYS B 331 -25.84 15.87 28.85
C LYS B 331 -24.60 15.95 27.96
N VAL B 332 -24.81 15.90 26.64
CA VAL B 332 -23.72 15.94 25.68
C VAL B 332 -24.08 16.76 24.46
N SER B 333 -23.11 17.53 23.97
CA SER B 333 -23.21 18.33 22.72
C SER B 333 -22.03 18.01 21.82
N PHE B 334 -22.23 18.07 20.51
CA PHE B 334 -21.07 18.05 19.59
C PHE B 334 -20.55 19.48 19.40
N VAL B 335 -19.27 19.57 19.05
CA VAL B 335 -18.63 20.84 18.78
C VAL B 335 -18.01 20.73 17.40
N GLU B 336 -18.41 21.64 16.50
CA GLU B 336 -17.82 21.65 15.16
C GLU B 336 -16.32 21.97 15.21
N ARG B 337 -15.55 21.30 14.36
CA ARG B 337 -14.10 21.50 14.26
C ARG B 337 -13.78 22.01 12.86
N ASP B 338 -12.58 22.59 12.67
CA ASP B 338 -12.05 22.83 11.33
C ASP B 338 -12.21 21.57 10.48
N LEU B 339 -11.11 20.86 10.26
CA LEU B 339 -11.07 19.56 9.55
C LEU B 339 -11.86 19.50 8.25
N PRO B 340 -11.34 18.79 7.25
CA PRO B 340 -12.10 18.57 6.02
C PRO B 340 -13.35 17.71 6.28
N LYS B 341 -14.43 17.99 5.56
CA LYS B 341 -15.73 17.36 5.76
C LYS B 341 -16.17 16.70 4.47
N THR B 342 -17.01 15.66 4.53
CA THR B 342 -17.63 15.13 3.28
C THR B 342 -18.86 15.95 2.89
N ALA B 343 -19.61 15.54 1.87
CA ALA B 343 -20.89 16.20 1.55
C ALA B 343 -21.99 15.98 2.64
N MET B 344 -21.80 14.96 3.49
CA MET B 344 -22.69 14.78 4.65
C MET B 344 -22.36 15.79 5.76
N GLY B 345 -21.21 16.46 5.64
CA GLY B 345 -20.76 17.36 6.71
C GLY B 345 -19.98 16.59 7.75
N TRP B 346 -19.57 15.37 7.42
CA TRP B 346 -18.92 14.47 8.37
C TRP B 346 -17.40 14.71 8.37
N GLU B 347 -16.82 14.94 9.56
CA GLU B 347 -15.40 15.24 9.70
C GLU B 347 -14.53 14.00 9.45
N ILE B 348 -13.53 14.18 8.57
CA ILE B 348 -12.67 13.10 8.08
C ILE B 348 -11.50 12.89 9.07
N VAL B 349 -11.62 11.85 9.90
CA VAL B 349 -10.63 11.53 10.92
C VAL B 349 -10.27 10.06 10.80
N PRO B 350 -9.37 9.72 9.88
CA PRO B 350 -9.10 8.32 9.55
C PRO B 350 -8.53 7.50 10.72
N GLU B 351 -7.86 8.12 11.68
CA GLU B 351 -7.35 7.41 12.86
C GLU B 351 -8.48 6.81 13.73
N GLY B 352 -9.73 7.21 13.44
CA GLY B 352 -10.89 6.65 14.11
C GLY B 352 -11.15 5.20 13.79
N ILE B 353 -10.93 4.79 12.55
CA ILE B 353 -11.13 3.41 12.19
C ILE B 353 -10.12 2.51 12.86
N TYR B 354 -8.95 3.07 13.17
CA TYR B 354 -7.89 2.33 13.83
C TYR B 354 -8.30 2.18 15.29
N TRP B 355 -8.66 3.31 15.90
CA TRP B 355 -9.06 3.37 17.30
C TRP B 355 -10.19 2.36 17.58
N ILE B 356 -11.17 2.32 16.69
CA ILE B 356 -12.38 1.53 16.90
C ILE B 356 -12.05 0.04 16.75
N LEU B 357 -11.10 -0.25 15.88
CA LEU B 357 -10.64 -1.62 15.70
C LEU B 357 -9.86 -2.07 16.93
N LYS B 358 -8.98 -1.19 17.42
CA LYS B 358 -8.21 -1.43 18.65
C LYS B 358 -9.19 -1.72 19.78
N LYS B 359 -10.10 -0.76 20.00
CA LYS B 359 -11.02 -0.79 21.13
C LYS B 359 -11.86 -2.05 21.19
N VAL B 360 -12.38 -2.51 20.06
CA VAL B 360 -13.26 -3.70 20.10
C VAL B 360 -12.51 -4.95 20.57
N LYS B 361 -11.24 -5.07 20.16
CA LYS B 361 -10.46 -6.24 20.54
C LYS B 361 -10.14 -6.12 22.01
N GLU B 362 -9.79 -4.93 22.45
CA GLU B 362 -9.52 -4.66 23.84
C GLU B 362 -10.72 -4.86 24.81
N GLU B 363 -11.93 -4.49 24.37
CA GLU B 363 -13.11 -4.63 25.23
C GLU B 363 -13.78 -6.03 25.20
N TYR B 364 -13.93 -6.63 24.03
CA TYR B 364 -14.75 -7.84 23.87
C TYR B 364 -14.00 -8.95 23.16
N ASN B 365 -12.87 -8.62 22.56
CA ASN B 365 -12.05 -9.60 21.84
C ASN B 365 -12.78 -10.59 20.97
N PRO B 366 -13.57 -10.12 20.01
CA PRO B 366 -14.32 -11.04 19.14
C PRO B 366 -13.33 -11.87 18.33
N PRO B 367 -13.69 -13.07 17.90
CA PRO B 367 -12.76 -13.93 17.17
C PRO B 367 -12.46 -13.42 15.76
N GLU B 368 -13.44 -12.79 15.10
CA GLU B 368 -13.26 -12.13 13.82
C GLU B 368 -13.96 -10.79 13.83
N VAL B 369 -13.36 -9.81 13.13
CA VAL B 369 -13.96 -8.53 12.84
C VAL B 369 -13.87 -8.21 11.36
N TYR B 370 -14.90 -7.56 10.81
CA TYR B 370 -14.91 -7.07 9.42
C TYR B 370 -15.23 -5.60 9.46
N ILE B 371 -14.68 -4.80 8.56
CA ILE B 371 -15.17 -3.45 8.40
C ILE B 371 -16.31 -3.64 7.43
N THR B 372 -17.55 -3.34 7.86
CA THR B 372 -18.71 -3.73 7.04
C THR B 372 -19.17 -2.53 6.20
N GLU B 373 -18.66 -1.35 6.54
CA GLU B 373 -18.99 -0.13 5.82
C GLU B 373 -17.84 0.82 6.00
N ASN B 374 -17.33 1.40 4.92
CA ASN B 374 -16.46 2.58 5.02
C ASN B 374 -16.49 3.27 3.66
N GLY B 375 -16.57 4.60 3.65
CA GLY B 375 -16.80 5.29 2.41
C GLY B 375 -17.09 6.74 2.63
N ALA B 376 -17.35 7.46 1.53
CA ALA B 376 -17.69 8.88 1.62
C ALA B 376 -18.64 9.33 0.56
N ALA B 377 -19.39 10.37 0.89
CA ALA B 377 -20.21 11.08 -0.10
C ALA B 377 -19.51 12.37 -0.52
N PHE B 378 -19.35 12.52 -1.82
CA PHE B 378 -18.80 13.75 -2.38
C PHE B 378 -19.71 14.20 -3.53
N ASP B 379 -19.74 15.49 -3.82
CA ASP B 379 -20.58 15.95 -4.92
C ASP B 379 -19.85 15.68 -6.22
N ASP B 380 -19.81 14.40 -6.61
CA ASP B 380 -19.21 14.00 -7.88
C ASP B 380 -19.95 14.67 -9.05
N VAL B 381 -19.24 14.68 -10.18
CA VAL B 381 -19.70 15.23 -11.45
C VAL B 381 -19.06 14.42 -12.56
N VAL B 382 -19.82 14.11 -13.61
CA VAL B 382 -19.28 13.53 -14.83
C VAL B 382 -18.59 14.69 -15.60
N SER B 383 -17.26 14.60 -15.79
CA SER B 383 -16.55 15.57 -16.66
C SER B 383 -16.78 15.27 -18.16
N GLU B 384 -16.42 16.25 -19.00
CA GLU B 384 -16.66 16.20 -20.46
C GLU B 384 -15.90 14.99 -21.01
N ASP B 385 -14.74 14.78 -20.41
CA ASP B 385 -13.93 13.57 -20.50
C ASP B 385 -14.69 12.21 -20.34
N GLY B 386 -15.85 12.25 -19.67
CA GLY B 386 -16.66 11.05 -19.47
C GLY B 386 -16.37 10.21 -18.23
N ARG B 387 -15.44 10.66 -17.40
CA ARG B 387 -15.13 9.93 -16.16
C ARG B 387 -15.47 10.79 -14.91
N VAL B 388 -15.46 10.15 -13.74
CA VAL B 388 -15.68 10.90 -12.51
C VAL B 388 -14.37 10.92 -11.71
N HIS B 389 -13.80 12.10 -11.57
CA HIS B 389 -12.48 12.22 -10.98
C HIS B 389 -12.64 12.59 -9.53
N ASP B 390 -12.91 11.56 -8.71
CA ASP B 390 -13.18 11.78 -7.28
C ASP B 390 -11.93 11.44 -6.46
N GLN B 391 -10.90 12.25 -6.69
CA GLN B 391 -9.66 12.10 -5.96
C GLN B 391 -9.94 12.22 -4.47
N ASN B 392 -10.93 13.04 -4.12
CA ASN B 392 -11.36 13.25 -2.74
C ASN B 392 -11.77 11.92 -2.07
N ARG B 393 -12.48 11.07 -2.82
CA ARG B 393 -12.86 9.71 -2.38
C ARG B 393 -11.71 8.70 -2.31
N ILE B 394 -10.87 8.67 -3.35
CA ILE B 394 -9.63 7.86 -3.32
C ILE B 394 -8.80 8.25 -2.09
N ASP B 395 -8.63 9.54 -1.87
CA ASP B 395 -7.87 10.03 -0.71
C ASP B 395 -8.48 9.52 0.62
N TYR B 396 -9.82 9.49 0.65
CA TYR B 396 -10.54 9.05 1.83
C TYR B 396 -10.29 7.56 2.04
N LEU B 397 -10.60 6.76 1.02
CA LEU B 397 -10.51 5.33 1.17
C LEU B 397 -9.07 4.94 1.56
N LYS B 398 -8.09 5.58 0.91
CA LYS B 398 -6.67 5.28 1.08
C LYS B 398 -6.24 5.49 2.52
N ALA B 399 -6.56 6.64 3.07
CA ALA B 399 -6.17 6.92 4.46
C ALA B 399 -6.76 5.90 5.45
N HIS B 400 -7.99 5.46 5.15
CA HIS B 400 -8.74 4.60 6.05
C HIS B 400 -8.28 3.19 5.92
N ILE B 401 -8.17 2.69 4.68
CA ILE B 401 -7.61 1.35 4.42
C ILE B 401 -6.21 1.21 5.11
N GLY B 402 -5.45 2.32 5.12
CA GLY B 402 -4.15 2.36 5.76
C GLY B 402 -4.20 2.30 7.28
N GLN B 403 -5.20 2.95 7.86
CA GLN B 403 -5.40 2.88 9.31
C GLN B 403 -5.90 1.46 9.70
N ALA B 404 -6.63 0.80 8.80
CA ALA B 404 -7.08 -0.60 9.00
C ALA B 404 -5.97 -1.64 8.88
N TRP B 405 -5.01 -1.37 8.01
CA TRP B 405 -3.83 -2.22 7.83
C TRP B 405 -3.07 -2.19 9.12
N LYS B 406 -2.95 -0.99 9.68
CA LYS B 406 -2.21 -0.76 10.90
C LYS B 406 -2.79 -1.58 12.05
N ALA B 407 -4.13 -1.69 12.11
CA ALA B 407 -4.77 -2.45 13.17
C ALA B 407 -4.46 -3.95 13.04
N ILE B 408 -4.43 -4.44 11.81
CA ILE B 408 -3.96 -5.80 11.57
C ILE B 408 -2.54 -6.02 12.12
N GLN B 409 -1.62 -5.11 11.79
CA GLN B 409 -0.21 -5.30 12.19
C GLN B 409 -0.14 -5.38 13.69
N GLU B 410 -1.08 -4.74 14.37
CA GLU B 410 -1.15 -4.83 15.84
C GLU B 410 -2.03 -5.98 16.42
N GLY B 411 -2.42 -6.93 15.56
CA GLY B 411 -3.11 -8.12 16.05
C GLY B 411 -4.65 -8.16 16.07
N VAL B 412 -5.30 -7.13 15.53
CA VAL B 412 -6.76 -7.12 15.43
C VAL B 412 -7.12 -8.09 14.32
N PRO B 413 -7.95 -9.08 14.61
CA PRO B 413 -8.29 -10.12 13.64
C PRO B 413 -9.27 -9.64 12.55
N LEU B 414 -8.90 -8.54 11.89
CA LEU B 414 -9.67 -7.99 10.78
C LEU B 414 -9.57 -8.91 9.60
N LYS B 415 -10.73 -9.43 9.14
CA LYS B 415 -10.79 -10.43 8.07
C LYS B 415 -11.31 -9.89 6.71
N GLY B 416 -11.67 -8.61 6.63
CA GLY B 416 -12.39 -8.17 5.43
C GLY B 416 -12.72 -6.70 5.53
N TYR B 417 -13.03 -6.11 4.37
CA TYR B 417 -13.29 -4.68 4.31
C TYR B 417 -14.27 -4.47 3.16
N PHE B 418 -15.34 -3.70 3.42
CA PHE B 418 -16.32 -3.44 2.34
C PHE B 418 -16.54 -1.95 2.26
N VAL B 419 -16.42 -1.41 1.04
CA VAL B 419 -16.72 -0.01 0.74
C VAL B 419 -18.22 0.09 0.65
N TRP B 420 -18.72 1.17 1.28
CA TRP B 420 -20.07 1.60 1.06
C TRP B 420 -19.90 2.75 0.11
N SER B 421 -20.41 2.67 -1.11
CA SER B 421 -21.16 1.53 -1.62
C SER B 421 -20.63 1.22 -3.03
N LEU B 422 -21.02 0.07 -3.58
CA LEU B 422 -20.85 -0.10 -4.99
C LEU B 422 -21.47 1.10 -5.71
N LEU B 423 -22.80 1.29 -5.59
CA LEU B 423 -23.50 2.30 -6.41
C LEU B 423 -23.96 3.47 -5.58
N ASP B 424 -23.97 4.68 -6.19
CA ASP B 424 -24.73 5.82 -5.69
C ASP B 424 -26.16 5.30 -5.53
N ASN B 425 -26.85 5.71 -4.47
CA ASN B 425 -28.16 5.08 -4.25
C ASN B 425 -29.06 5.96 -3.40
N PHE B 426 -30.22 5.42 -2.99
CA PHE B 426 -31.14 6.17 -2.12
C PHE B 426 -30.55 6.29 -0.71
N GLU B 427 -30.11 7.49 -0.32
CA GLU B 427 -29.50 7.68 1.01
C GLU B 427 -30.53 8.07 2.10
N TRP B 428 -31.57 7.26 2.21
CA TRP B 428 -32.57 7.34 3.29
C TRP B 428 -33.21 8.73 3.33
N ALA B 429 -33.22 9.40 4.48
CA ALA B 429 -33.89 10.69 4.57
C ALA B 429 -33.24 11.72 3.62
N GLU B 430 -32.03 11.43 3.12
CA GLU B 430 -31.32 12.37 2.24
C GLU B 430 -31.69 12.15 0.78
N GLY B 431 -32.38 11.05 0.50
CA GLY B 431 -32.74 10.68 -0.86
C GLY B 431 -31.56 10.48 -1.81
N TYR B 432 -31.74 10.84 -3.08
CA TYR B 432 -30.71 10.65 -4.12
C TYR B 432 -29.58 11.68 -4.08
N SER B 433 -29.67 12.62 -3.14
CA SER B 433 -28.76 13.75 -3.09
C SER B 433 -27.34 13.49 -2.60
N LYS B 434 -27.11 12.33 -1.98
CA LYS B 434 -25.81 12.05 -1.43
C LYS B 434 -25.29 10.82 -2.13
N ARG B 435 -24.10 10.94 -2.73
CA ARG B 435 -23.57 9.87 -3.60
C ARG B 435 -22.40 9.18 -2.92
N PHE B 436 -22.53 7.89 -2.63
CA PHE B 436 -21.49 7.19 -1.86
C PHE B 436 -20.77 6.18 -2.71
N GLY B 437 -21.28 5.94 -3.92
CA GLY B 437 -20.81 4.81 -4.74
C GLY B 437 -19.37 4.95 -5.27
N ILE B 438 -18.75 3.81 -5.62
CA ILE B 438 -17.49 3.77 -6.40
C ILE B 438 -17.89 3.77 -7.87
N VAL B 439 -19.19 3.50 -8.13
CA VAL B 439 -19.82 3.60 -9.44
C VAL B 439 -20.93 4.70 -9.46
N TYR B 440 -20.85 5.64 -10.44
CA TYR B 440 -21.84 6.72 -10.59
C TYR B 440 -23.11 6.17 -11.20
N VAL B 441 -24.25 6.67 -10.77
CA VAL B 441 -25.49 6.24 -11.40
C VAL B 441 -26.11 7.53 -11.82
N ASP B 442 -26.39 7.57 -13.11
CA ASP B 442 -27.12 8.66 -13.69
C ASP B 442 -28.54 8.19 -13.64
N TYR B 443 -29.34 8.88 -12.82
CA TYR B 443 -30.72 8.49 -12.56
C TYR B 443 -31.70 8.75 -13.71
N SER B 444 -31.41 9.74 -14.58
CA SER B 444 -32.24 9.90 -15.79
C SER B 444 -32.21 8.70 -16.74
N THR B 445 -31.07 8.02 -16.86
CA THR B 445 -30.97 6.87 -17.79
C THR B 445 -30.62 5.51 -17.16
N GLN B 446 -30.16 5.54 -15.90
CA GLN B 446 -29.72 4.34 -15.15
C GLN B 446 -28.33 3.85 -15.60
N LYS B 447 -27.54 4.76 -16.16
CA LYS B 447 -26.23 4.35 -16.69
C LYS B 447 -25.24 4.38 -15.54
N ARG B 448 -24.38 3.37 -15.51
CA ARG B 448 -23.37 3.28 -14.49
C ARG B 448 -22.07 3.81 -15.10
N ILE B 449 -21.31 4.59 -14.33
CA ILE B 449 -19.98 5.08 -14.70
C ILE B 449 -19.03 4.77 -13.55
N VAL B 450 -18.11 3.83 -13.73
CA VAL B 450 -17.10 3.57 -12.69
C VAL B 450 -16.33 4.84 -12.40
N LYS B 451 -16.17 5.18 -11.12
CA LYS B 451 -15.43 6.41 -10.86
C LYS B 451 -13.98 6.03 -10.73
N ASP B 452 -13.12 7.03 -10.68
CA ASP B 452 -11.71 6.70 -10.46
C ASP B 452 -11.61 5.81 -9.24
N SER B 453 -12.29 6.22 -8.16
CA SER B 453 -12.23 5.47 -6.87
C SER B 453 -12.46 4.00 -7.12
N GLY B 454 -13.39 3.73 -8.02
CA GLY B 454 -13.67 2.39 -8.47
C GLY B 454 -12.50 1.66 -9.12
N TYR B 455 -11.78 2.32 -10.04
CA TYR B 455 -10.57 1.69 -10.61
C TYR B 455 -9.46 1.60 -9.57
N TRP B 456 -9.34 2.64 -8.76
CA TRP B 456 -8.33 2.65 -7.71
C TRP B 456 -8.48 1.52 -6.69
N TYR B 457 -9.73 1.29 -6.26
CA TYR B 457 -10.03 0.19 -5.36
C TYR B 457 -9.87 -1.14 -6.11
N SER B 458 -10.24 -1.17 -7.39
CA SER B 458 -10.02 -2.37 -8.22
C SER B 458 -8.54 -2.80 -8.21
N ASN B 459 -7.66 -1.81 -8.10
CA ASN B 459 -6.22 -2.02 -8.10
C ASN B 459 -5.88 -2.68 -6.79
N VAL B 460 -6.21 -1.96 -5.69
CA VAL B 460 -6.01 -2.40 -4.30
C VAL B 460 -6.35 -3.86 -4.09
N VAL B 461 -7.42 -4.33 -4.70
CA VAL B 461 -7.92 -5.69 -4.51
C VAL B 461 -7.01 -6.70 -5.21
N LYS B 462 -6.63 -6.37 -6.44
CA LYS B 462 -5.70 -7.20 -7.22
C LYS B 462 -4.36 -7.31 -6.48
N ASN B 463 -3.91 -6.15 -5.96
CA ASN B 463 -2.68 -5.96 -5.20
C ASN B 463 -2.78 -6.54 -3.77
N ASN B 464 -3.98 -6.93 -3.35
CA ASN B 464 -4.23 -7.26 -1.93
C ASN B 464 -3.75 -6.18 -0.95
N GLY B 465 -3.87 -4.91 -1.31
CA GLY B 465 -3.40 -3.86 -0.41
C GLY B 465 -2.96 -2.59 -1.09
N LEU B 466 -2.27 -1.71 -0.35
CA LEU B 466 -1.93 -0.37 -0.84
C LEU B 466 -0.54 -0.33 -1.51
N GLU B 467 -0.21 0.85 -2.08
CA GLU B 467 0.86 1.05 -3.11
C GLU B 467 1.81 -0.13 -3.26
#